data_3HZB
#
_entry.id   3HZB
#
_cell.length_a   53.647
_cell.length_b   99.279
_cell.length_c   64.101
_cell.angle_alpha   90.000
_cell.angle_beta   89.990
_cell.angle_gamma   90.000
#
_symmetry.space_group_name_H-M   'P 1 2 1'
#
loop_
_entity.id
_entity.type
_entity.pdbx_description
1 polymer 'Carbohydrate binding protein'
2 non-polymer 'CALCIUM ION'
3 water water
#
_entity_poly.entity_id   1
_entity_poly.type   'polypeptide(L)'
_entity_poly.pdbx_seq_one_letter_code
;DVITVYKDCNYTGFSGGLTIGDYNLARLNSLGVLNDDISSLRITQGYQAILYQDDNFGGASTVINSDNSCLNTTWNDKVS
SIRVIANGTT
;
_entity_poly.pdbx_strand_id   A,B,C,D,E,F,G,H
#
loop_
_chem_comp.id
_chem_comp.type
_chem_comp.name
_chem_comp.formula
CA non-polymer 'CALCIUM ION' 'Ca 2'
#
# COMPACT_ATOMS: atom_id res chain seq x y z
N ASP A 1 -18.55 -1.16 18.23
CA ASP A 1 -18.48 -2.64 18.05
C ASP A 1 -17.85 -3.30 19.27
N VAL A 2 -18.18 -4.57 19.48
CA VAL A 2 -17.64 -5.31 20.61
C VAL A 2 -16.75 -6.45 20.12
N ILE A 3 -16.86 -6.76 18.83
CA ILE A 3 -16.05 -7.81 18.19
C ILE A 3 -15.53 -7.28 16.88
N THR A 4 -14.25 -7.52 16.58
CA THR A 4 -13.68 -7.12 15.31
C THR A 4 -12.96 -8.33 14.73
N VAL A 5 -13.31 -8.68 13.50
CA VAL A 5 -12.70 -9.83 12.84
C VAL A 5 -11.74 -9.37 11.74
N TYR A 6 -10.54 -9.94 11.74
CA TYR A 6 -9.53 -9.56 10.76
C TYR A 6 -9.15 -10.64 9.77
N LYS A 7 -8.81 -10.20 8.57
CA LYS A 7 -8.42 -11.11 7.51
C LYS A 7 -7.13 -11.82 7.85
N ASP A 8 -6.15 -11.11 8.39
CA ASP A 8 -4.88 -11.76 8.72
C ASP A 8 -4.63 -11.92 10.21
N CYS A 9 -3.60 -12.69 10.55
CA CYS A 9 -3.26 -12.91 11.94
C CYS A 9 -2.69 -11.62 12.54
N ASN A 10 -2.70 -11.53 13.86
CA ASN A 10 -2.17 -10.37 14.56
C ASN A 10 -2.97 -9.08 14.37
N TYR A 11 -4.27 -9.23 14.15
CA TYR A 11 -5.18 -8.10 14.00
C TYR A 11 -4.82 -7.14 12.87
N THR A 12 -4.51 -7.71 11.70
CA THR A 12 -4.16 -6.91 10.54
C THR A 12 -4.99 -7.38 9.34
N GLY A 13 -4.98 -6.61 8.26
CA GLY A 13 -5.76 -6.99 7.10
C GLY A 13 -7.17 -6.44 7.23
N PHE A 14 -7.98 -6.58 6.19
CA PHE A 14 -9.34 -6.08 6.21
C PHE A 14 -10.10 -6.55 7.44
N SER A 15 -10.81 -5.63 8.09
CA SER A 15 -11.55 -5.98 9.30
C SER A 15 -13.02 -5.59 9.26
N GLY A 16 -13.82 -6.32 10.01
CA GLY A 16 -15.24 -6.06 10.10
C GLY A 16 -15.65 -5.95 11.56
N GLY A 17 -16.44 -4.93 11.87
CA GLY A 17 -16.88 -4.75 13.25
C GLY A 17 -18.25 -5.37 13.47
N LEU A 18 -18.40 -6.06 14.59
CA LEU A 18 -19.66 -6.71 14.91
C LEU A 18 -20.21 -6.28 16.28
N THR A 19 -21.53 -6.29 16.41
CA THR A 19 -22.19 -5.95 17.66
C THR A 19 -23.10 -7.14 17.95
N ILE A 20 -23.72 -7.17 19.12
CA ILE A 20 -24.60 -8.28 19.49
C ILE A 20 -25.54 -8.68 18.34
N GLY A 21 -25.66 -9.98 18.10
CA GLY A 21 -26.53 -10.45 17.03
C GLY A 21 -25.98 -11.62 16.24
N ASP A 22 -26.69 -12.00 15.19
CA ASP A 22 -26.29 -13.13 14.35
C ASP A 22 -25.78 -12.65 13.01
N TYR A 23 -24.66 -13.23 12.57
CA TYR A 23 -24.06 -12.87 11.28
C TYR A 23 -23.84 -14.07 10.38
N ASN A 24 -24.74 -14.29 9.42
CA ASN A 24 -24.55 -15.38 8.49
C ASN A 24 -23.58 -14.84 7.43
N LEU A 25 -23.18 -15.66 6.48
CA LEU A 25 -22.23 -15.23 5.46
C LEU A 25 -22.64 -13.95 4.74
N ALA A 26 -23.90 -13.89 4.33
CA ALA A 26 -24.39 -12.71 3.63
C ALA A 26 -24.17 -11.46 4.48
N ARG A 27 -24.47 -11.55 5.77
CA ARG A 27 -24.28 -10.38 6.62
C ARG A 27 -22.80 -10.04 6.76
N LEU A 28 -21.94 -11.06 6.87
CA LEU A 28 -20.52 -10.80 6.97
C LEU A 28 -20.04 -10.09 5.70
N ASN A 29 -20.51 -10.57 4.55
CA ASN A 29 -20.14 -9.97 3.27
C ASN A 29 -20.56 -8.51 3.17
N SER A 30 -21.69 -8.17 3.79
CA SER A 30 -22.18 -6.79 3.75
C SER A 30 -21.19 -5.87 4.45
N LEU A 31 -20.30 -6.47 5.24
CA LEU A 31 -19.28 -5.72 5.98
C LEU A 31 -17.95 -5.87 5.26
N GLY A 32 -17.95 -6.61 4.16
CA GLY A 32 -16.74 -6.81 3.39
C GLY A 32 -15.92 -8.00 3.88
N VAL A 33 -16.45 -8.71 4.87
CA VAL A 33 -15.78 -9.88 5.44
C VAL A 33 -16.09 -11.13 4.61
N LEU A 34 -15.04 -11.83 4.18
CA LEU A 34 -15.16 -13.01 3.35
C LEU A 34 -15.28 -14.34 4.09
N ASN A 35 -15.88 -15.31 3.41
CA ASN A 35 -16.04 -16.66 3.93
C ASN A 35 -14.66 -17.31 4.01
N ASP A 36 -14.48 -18.25 4.93
CA ASP A 36 -13.21 -18.96 5.08
C ASP A 36 -12.05 -18.00 4.88
N ASP A 37 -12.04 -16.94 5.67
CA ASP A 37 -11.01 -15.93 5.51
C ASP A 37 -10.51 -15.29 6.82
N ILE A 38 -11.33 -15.29 7.86
CA ILE A 38 -10.92 -14.69 9.12
C ILE A 38 -9.77 -15.44 9.77
N SER A 39 -8.79 -14.71 10.30
CA SER A 39 -7.64 -15.33 10.95
C SER A 39 -7.37 -14.88 12.38
N SER A 40 -7.95 -13.75 12.78
CA SER A 40 -7.79 -13.26 14.15
C SER A 40 -8.96 -12.38 14.49
N LEU A 41 -9.20 -12.17 15.78
CA LEU A 41 -10.30 -11.33 16.21
C LEU A 41 -10.17 -10.77 17.62
N ARG A 42 -10.72 -9.59 17.83
CA ARG A 42 -10.70 -8.94 19.14
C ARG A 42 -12.07 -9.13 19.77
N ILE A 43 -12.06 -9.45 21.05
CA ILE A 43 -13.29 -9.65 21.81
C ILE A 43 -13.30 -8.69 22.99
N THR A 44 -14.22 -7.72 22.99
CA THR A 44 -14.31 -6.78 24.09
C THR A 44 -14.82 -7.52 25.33
N GLN A 45 -14.15 -7.33 26.47
CA GLN A 45 -14.56 -8.01 27.69
C GLN A 45 -16.05 -7.77 27.96
N GLY A 46 -16.75 -8.85 28.29
CA GLY A 46 -18.17 -8.77 28.57
C GLY A 46 -18.95 -9.34 27.40
N TYR A 47 -18.21 -9.71 26.35
CA TYR A 47 -18.81 -10.28 25.15
C TYR A 47 -18.04 -11.49 24.67
N GLN A 48 -18.62 -12.21 23.72
CA GLN A 48 -17.96 -13.38 23.17
C GLN A 48 -18.49 -13.66 21.77
N ALA A 49 -17.66 -14.33 20.98
CA ALA A 49 -18.03 -14.66 19.62
C ALA A 49 -18.09 -16.17 19.47
N ILE A 50 -19.19 -16.68 18.94
CA ILE A 50 -19.31 -18.11 18.72
C ILE A 50 -19.05 -18.28 17.22
N LEU A 51 -17.96 -18.97 16.89
CA LEU A 51 -17.61 -19.19 15.50
C LEU A 51 -18.23 -20.48 14.99
N TYR A 52 -18.67 -20.48 13.74
CA TYR A 52 -19.30 -21.64 13.12
C TYR A 52 -18.57 -22.02 11.84
N GLN A 53 -18.37 -23.32 11.64
CA GLN A 53 -17.69 -23.81 10.46
C GLN A 53 -18.52 -23.50 9.22
N ASP A 54 -19.82 -23.76 9.27
CA ASP A 54 -20.68 -23.53 8.13
C ASP A 54 -21.55 -22.29 8.26
N ASP A 55 -22.17 -21.89 7.15
CA ASP A 55 -23.04 -20.73 7.15
C ASP A 55 -24.30 -21.04 7.93
N ASN A 56 -25.04 -20.00 8.30
CA ASN A 56 -26.28 -20.17 9.05
C ASN A 56 -26.09 -20.89 10.37
N PHE A 57 -24.93 -20.68 10.99
CA PHE A 57 -24.61 -21.25 12.29
C PHE A 57 -24.71 -22.76 12.35
N GLY A 58 -24.24 -23.43 11.30
CA GLY A 58 -24.27 -24.87 11.25
C GLY A 58 -22.85 -25.42 11.37
N GLY A 59 -22.72 -26.72 11.55
CA GLY A 59 -21.41 -27.33 11.68
C GLY A 59 -20.79 -27.14 13.04
N ALA A 60 -19.53 -27.57 13.19
CA ALA A 60 -18.82 -27.44 14.45
C ALA A 60 -18.72 -25.97 14.84
N SER A 61 -18.65 -25.70 16.14
CA SER A 61 -18.55 -24.32 16.62
C SER A 61 -17.55 -24.22 17.76
N THR A 62 -17.13 -22.99 18.06
CA THR A 62 -16.19 -22.77 19.16
C THR A 62 -16.45 -21.36 19.68
N VAL A 63 -16.20 -21.15 20.97
CA VAL A 63 -16.42 -19.85 21.57
C VAL A 63 -15.11 -19.12 21.83
N ILE A 64 -15.07 -17.86 21.42
CA ILE A 64 -13.89 -17.02 21.62
C ILE A 64 -14.29 -15.96 22.64
N ASN A 65 -13.64 -15.95 23.80
CA ASN A 65 -13.98 -14.98 24.85
C ASN A 65 -12.83 -14.02 25.19
N SER A 66 -11.79 -14.05 24.38
CA SER A 66 -10.65 -13.15 24.56
C SER A 66 -9.95 -13.04 23.21
N ASP A 67 -9.24 -11.95 22.99
CA ASP A 67 -8.54 -11.74 21.72
C ASP A 67 -7.74 -12.98 21.30
N ASN A 68 -7.89 -13.36 20.03
CA ASN A 68 -7.15 -14.49 19.48
C ASN A 68 -6.36 -13.94 18.30
N SER A 69 -5.04 -13.91 18.43
CA SER A 69 -4.19 -13.35 17.39
C SER A 69 -3.96 -14.21 16.15
N CYS A 70 -4.32 -15.49 16.21
CA CYS A 70 -4.14 -16.37 15.06
C CYS A 70 -4.85 -17.68 15.34
N LEU A 71 -6.00 -17.86 14.68
CA LEU A 71 -6.80 -19.07 14.87
C LEU A 71 -6.00 -20.31 14.47
N ASN A 72 -6.28 -21.44 15.10
CA ASN A 72 -5.55 -22.66 14.77
C ASN A 72 -5.95 -23.23 13.41
N THR A 73 -5.34 -24.35 13.04
CA THR A 73 -5.62 -24.96 11.74
C THR A 73 -7.08 -25.34 11.54
N THR A 74 -7.77 -25.68 12.62
CA THR A 74 -9.17 -26.07 12.52
C THR A 74 -10.08 -24.89 12.21
N TRP A 75 -9.73 -23.72 12.75
CA TRP A 75 -10.54 -22.52 12.58
C TRP A 75 -10.04 -21.42 11.66
N ASN A 76 -8.74 -21.41 11.36
CA ASN A 76 -8.22 -20.37 10.49
C ASN A 76 -8.73 -20.52 9.07
N ASP A 77 -9.23 -19.43 8.50
CA ASP A 77 -9.78 -19.44 7.14
C ASP A 77 -10.88 -20.48 6.96
N LYS A 78 -11.69 -20.67 8.00
CA LYS A 78 -12.77 -21.65 7.95
C LYS A 78 -14.12 -21.12 8.45
N VAL A 79 -14.13 -19.95 9.10
CA VAL A 79 -15.37 -19.40 9.62
C VAL A 79 -16.35 -18.95 8.54
N SER A 80 -17.61 -19.36 8.69
CA SER A 80 -18.65 -19.01 7.72
C SER A 80 -19.83 -18.25 8.27
N SER A 81 -19.95 -18.21 9.60
CA SER A 81 -21.03 -17.47 10.24
C SER A 81 -20.62 -17.28 11.68
N ILE A 82 -21.13 -16.23 12.30
CA ILE A 82 -20.76 -15.91 13.67
C ILE A 82 -21.95 -15.38 14.47
N ARG A 83 -21.99 -15.73 15.76
CA ARG A 83 -23.02 -15.24 16.66
C ARG A 83 -22.27 -14.50 17.76
N VAL A 84 -22.71 -13.29 18.06
CA VAL A 84 -22.07 -12.49 19.10
C VAL A 84 -23.07 -12.28 20.23
N ILE A 85 -22.66 -12.57 21.46
CA ILE A 85 -23.54 -12.42 22.60
C ILE A 85 -22.83 -11.78 23.79
N ALA A 86 -23.61 -11.41 24.81
CA ALA A 86 -23.04 -10.80 25.99
C ALA A 86 -22.46 -11.91 26.86
N ASP B 1 -14.31 0.37 32.47
CA ASP B 1 -12.85 0.06 32.41
C ASP B 1 -12.48 -0.54 31.07
N VAL B 2 -11.56 0.12 30.36
CA VAL B 2 -11.12 -0.35 29.06
C VAL B 2 -9.98 -1.35 29.19
N ILE B 3 -9.43 -1.47 30.39
CA ILE B 3 -8.34 -2.41 30.63
C ILE B 3 -8.48 -3.06 32.00
N THR B 4 -8.31 -4.37 32.04
CA THR B 4 -8.39 -5.10 33.29
C THR B 4 -7.09 -5.89 33.45
N VAL B 5 -6.48 -5.76 34.62
CA VAL B 5 -5.23 -6.47 34.89
C VAL B 5 -5.52 -7.56 35.90
N TYR B 6 -5.03 -8.76 35.62
CA TYR B 6 -5.28 -9.90 36.51
C TYR B 6 -4.05 -10.41 37.23
N LYS B 7 -4.29 -10.93 38.42
CA LYS B 7 -3.23 -11.47 39.25
C LYS B 7 -2.66 -12.73 38.62
N ASP B 8 -3.52 -13.59 38.07
CA ASP B 8 -3.06 -14.84 37.45
C ASP B 8 -3.18 -14.86 35.94
N CYS B 9 -2.54 -15.84 35.33
CA CYS B 9 -2.61 -16.02 33.88
C CYS B 9 -4.02 -16.47 33.51
N ASN B 10 -4.36 -16.36 32.23
CA ASN B 10 -5.68 -16.76 31.75
C ASN B 10 -6.83 -15.93 32.33
N TYR B 11 -6.55 -14.65 32.58
CA TYR B 11 -7.56 -13.73 33.09
C TYR B 11 -8.31 -14.22 34.32
N THR B 12 -7.56 -14.63 35.34
CA THR B 12 -8.14 -15.12 36.58
C THR B 12 -7.39 -14.49 37.75
N GLY B 13 -7.92 -14.67 38.96
CA GLY B 13 -7.29 -14.11 40.14
C GLY B 13 -7.75 -12.67 40.35
N PHE B 14 -7.34 -12.07 41.46
CA PHE B 14 -7.73 -10.70 41.77
C PHE B 14 -7.50 -9.78 40.56
N SER B 15 -8.51 -8.99 40.23
CA SER B 15 -8.37 -8.09 39.09
C SER B 15 -8.61 -6.62 39.44
N GLY B 16 -8.01 -5.74 38.64
CA GLY B 16 -8.17 -4.32 38.84
C GLY B 16 -8.59 -3.70 37.51
N GLY B 17 -9.57 -2.81 37.54
CA GLY B 17 -10.02 -2.17 36.33
C GLY B 17 -9.36 -0.81 36.15
N LEU B 18 -8.84 -0.56 34.94
CA LEU B 18 -8.17 0.70 34.65
C LEU B 18 -8.83 1.44 33.50
N THR B 19 -8.73 2.76 33.52
CA THR B 19 -9.29 3.59 32.46
C THR B 19 -8.12 4.47 31.99
N ILE B 20 -8.39 5.37 31.06
CA ILE B 20 -7.35 6.27 30.56
C ILE B 20 -6.70 6.98 31.73
N GLY B 21 -5.37 7.03 31.75
CA GLY B 21 -4.68 7.69 32.84
C GLY B 21 -3.39 7.01 33.24
N ASP B 22 -2.73 7.59 34.25
CA ASP B 22 -1.46 7.06 34.72
C ASP B 22 -1.59 6.42 36.10
N TYR B 23 -1.03 5.22 36.23
CA TYR B 23 -1.11 4.48 37.48
C TYR B 23 0.25 4.13 38.07
N ASN B 24 0.68 4.87 39.08
CA ASN B 24 1.93 4.51 39.74
C ASN B 24 1.56 3.39 40.70
N LEU B 25 2.53 2.81 41.40
CA LEU B 25 2.23 1.72 42.30
C LEU B 25 1.19 2.10 43.36
N ALA B 26 1.26 3.34 43.84
CA ALA B 26 0.31 3.79 44.84
C ALA B 26 -1.11 3.67 44.30
N ARG B 27 -1.33 4.14 43.08
CA ARG B 27 -2.67 4.07 42.50
C ARG B 27 -3.09 2.63 42.23
N LEU B 28 -2.14 1.79 41.83
CA LEU B 28 -2.47 0.37 41.59
C LEU B 28 -2.91 -0.24 42.92
N ASN B 29 -2.19 0.10 44.00
CA ASN B 29 -2.52 -0.43 45.31
C ASN B 29 -3.89 0.05 45.80
N SER B 30 -4.30 1.24 45.35
CA SER B 30 -5.60 1.77 45.78
C SER B 30 -6.72 0.93 45.17
N LEU B 31 -6.36 0.12 44.18
CA LEU B 31 -7.30 -0.77 43.50
C LEU B 31 -7.12 -2.19 44.01
N GLY B 32 -6.14 -2.37 44.88
CA GLY B 32 -5.86 -3.69 45.44
C GLY B 32 -4.87 -4.48 44.60
N VAL B 33 -4.38 -3.86 43.53
CA VAL B 33 -3.42 -4.49 42.64
C VAL B 33 -2.02 -4.36 43.24
N LEU B 34 -1.31 -5.48 43.34
CA LEU B 34 0.02 -5.50 43.92
C LEU B 34 1.19 -5.33 42.96
N ASN B 35 2.33 -4.95 43.53
CA ASN B 35 3.57 -4.76 42.79
C ASN B 35 4.08 -6.14 42.35
N ASP B 36 4.79 -6.19 41.23
CA ASP B 36 5.36 -7.44 40.71
C ASP B 36 4.37 -8.59 40.90
N ASP B 37 3.15 -8.40 40.41
CA ASP B 37 2.10 -9.39 40.60
C ASP B 37 1.20 -9.64 39.40
N ILE B 38 1.04 -8.66 38.52
CA ILE B 38 0.17 -8.85 37.35
C ILE B 38 0.68 -9.93 36.41
N SER B 39 -0.24 -10.76 35.90
CA SER B 39 0.12 -11.85 34.99
C SER B 39 -0.63 -11.88 33.67
N SER B 40 -1.80 -11.25 33.61
CA SER B 40 -2.54 -11.22 32.36
C SER B 40 -3.36 -9.94 32.29
N LEU B 41 -3.77 -9.56 31.09
CA LEU B 41 -4.54 -8.34 30.91
C LEU B 41 -5.53 -8.42 29.76
N ARG B 42 -6.70 -7.83 29.96
CA ARG B 42 -7.69 -7.76 28.90
C ARG B 42 -7.63 -6.31 28.47
N ILE B 43 -7.59 -6.07 27.17
CA ILE B 43 -7.54 -4.69 26.69
C ILE B 43 -8.57 -4.44 25.61
N THR B 44 -9.47 -3.51 25.91
CA THR B 44 -10.54 -3.15 24.99
C THR B 44 -9.99 -2.46 23.76
N GLN B 45 -10.48 -2.88 22.60
CA GLN B 45 -10.08 -2.30 21.33
C GLN B 45 -10.16 -0.78 21.41
N GLY B 46 -9.14 -0.12 20.88
CA GLY B 46 -9.12 1.34 20.90
C GLY B 46 -8.30 1.90 22.04
N TYR B 47 -7.82 1.01 22.91
CA TYR B 47 -7.03 1.43 24.06
C TYR B 47 -5.82 0.53 24.21
N GLN B 48 -4.86 0.95 25.00
CA GLN B 48 -3.66 0.15 25.22
C GLN B 48 -2.98 0.49 26.53
N ALA B 49 -2.22 -0.48 27.04
CA ALA B 49 -1.52 -0.29 28.30
C ALA B 49 -0.01 -0.30 28.08
N ILE B 50 0.66 0.70 28.64
CA ILE B 50 2.11 0.77 28.56
C ILE B 50 2.58 0.29 29.93
N LEU B 51 3.31 -0.81 29.96
CA LEU B 51 3.80 -1.35 31.22
C LEU B 51 5.20 -0.85 31.52
N TYR B 52 5.49 -0.66 32.80
CA TYR B 52 6.81 -0.19 33.23
C TYR B 52 7.36 -1.15 34.28
N GLN B 53 8.65 -1.43 34.21
CA GLN B 53 9.28 -2.32 35.17
C GLN B 53 9.33 -1.68 36.55
N ASP B 54 9.60 -0.39 36.63
CA ASP B 54 9.69 0.26 37.93
C ASP B 54 8.52 1.19 38.21
N ASP B 55 8.42 1.63 39.46
CA ASP B 55 7.35 2.53 39.86
C ASP B 55 7.60 3.90 39.22
N ASN B 56 6.56 4.72 39.19
CA ASN B 56 6.66 6.05 38.62
C ASN B 56 7.12 6.05 37.17
N PHE B 57 6.71 5.00 36.44
CA PHE B 57 6.99 4.85 35.03
C PHE B 57 8.48 4.80 34.69
N GLY B 58 9.24 4.17 35.57
CA GLY B 58 10.68 4.06 35.36
C GLY B 58 11.06 2.70 34.80
N GLY B 59 12.30 2.58 34.32
CA GLY B 59 12.77 1.33 33.77
C GLY B 59 12.21 0.98 32.40
N ALA B 60 12.40 -0.27 31.99
CA ALA B 60 11.93 -0.75 30.70
C ALA B 60 10.41 -0.68 30.55
N SER B 61 9.94 -0.63 29.31
CA SER B 61 8.52 -0.55 29.02
C SER B 61 8.15 -1.49 27.88
N THR B 62 6.85 -1.74 27.75
CA THR B 62 6.34 -2.58 26.67
C THR B 62 4.88 -2.20 26.50
N VAL B 63 4.34 -2.44 25.30
CA VAL B 63 2.95 -2.11 25.03
C VAL B 63 2.10 -3.35 24.91
N ILE B 64 0.95 -3.32 25.57
CA ILE B 64 0.01 -4.44 25.49
C ILE B 64 -1.19 -3.82 24.80
N ASN B 65 -1.36 -4.12 23.52
CA ASN B 65 -2.47 -3.56 22.74
C ASN B 65 -3.55 -4.56 22.35
N SER B 66 -3.52 -5.74 22.98
CA SER B 66 -4.49 -6.79 22.74
C SER B 66 -4.38 -7.73 23.94
N ASP B 67 -5.45 -8.45 24.25
CA ASP B 67 -5.45 -9.36 25.40
C ASP B 67 -4.20 -10.22 25.45
N ASN B 68 -3.60 -10.30 26.64
CA ASN B 68 -2.40 -11.11 26.84
C ASN B 68 -2.73 -12.04 28.00
N SER B 69 -2.87 -13.32 27.69
CA SER B 69 -3.25 -14.32 28.69
C SER B 69 -2.17 -14.73 29.68
N CYS B 70 -0.92 -14.36 29.42
CA CYS B 70 0.16 -14.73 30.33
C CYS B 70 1.44 -14.02 29.94
N LEU B 71 1.78 -12.98 30.70
CA LEU B 71 2.99 -12.22 30.42
C LEU B 71 4.21 -13.13 30.39
N ASN B 72 5.21 -12.77 29.60
CA ASN B 72 6.41 -13.61 29.49
C ASN B 72 7.31 -13.45 30.71
N THR B 73 8.43 -14.17 30.71
CA THR B 73 9.38 -14.14 31.81
C THR B 73 9.90 -12.75 32.16
N THR B 74 9.98 -11.89 31.15
CA THR B 74 10.47 -10.52 31.36
C THR B 74 9.45 -9.63 32.03
N TRP B 75 8.16 -9.90 31.81
CA TRP B 75 7.14 -9.06 32.39
C TRP B 75 6.21 -9.64 33.44
N ASN B 76 6.16 -10.96 33.54
CA ASN B 76 5.28 -11.58 34.52
C ASN B 76 5.76 -11.30 35.94
N ASP B 77 4.86 -10.84 36.79
CA ASP B 77 5.19 -10.52 38.18
C ASP B 77 6.32 -9.51 38.25
N LYS B 78 6.32 -8.53 37.35
CA LYS B 78 7.36 -7.52 37.33
C LYS B 78 6.81 -6.10 37.14
N VAL B 79 5.54 -5.97 36.79
CA VAL B 79 4.98 -4.64 36.58
C VAL B 79 4.85 -3.83 37.86
N SER B 80 5.37 -2.60 37.83
CA SER B 80 5.32 -1.71 38.99
C SER B 80 4.53 -0.43 38.77
N SER B 81 4.26 -0.11 37.51
CA SER B 81 3.46 1.05 37.16
C SER B 81 2.93 0.87 35.74
N ILE B 82 1.81 1.52 35.47
CA ILE B 82 1.16 1.40 34.17
C ILE B 82 0.51 2.70 33.72
N ARG B 83 0.47 2.90 32.41
CA ARG B 83 -0.16 4.06 31.83
C ARG B 83 -1.09 3.54 30.73
N VAL B 84 -2.34 3.99 30.78
CA VAL B 84 -3.34 3.59 29.81
C VAL B 84 -3.56 4.77 28.89
N ILE B 85 -3.43 4.52 27.58
CA ILE B 85 -3.60 5.56 26.58
C ILE B 85 -4.47 5.09 25.42
N ALA B 86 -4.95 6.02 24.60
CA ALA B 86 -5.78 5.66 23.47
C ALA B 86 -4.94 4.90 22.45
N ASN B 87 -5.59 4.05 21.67
CA ASN B 87 -4.91 3.28 20.64
C ASN B 87 -5.62 3.49 19.31
N ASP C 1 12.28 -7.68 -39.04
CA ASP C 1 13.07 -8.89 -39.42
C ASP C 1 13.68 -9.55 -38.18
N VAL C 2 13.22 -10.75 -37.87
CA VAL C 2 13.75 -11.47 -36.73
C VAL C 2 14.62 -12.63 -37.20
N ILE C 3 14.51 -12.95 -38.48
CA ILE C 3 15.30 -14.03 -39.09
C ILE C 3 15.86 -13.55 -40.42
N THR C 4 17.11 -13.87 -40.70
CA THR C 4 17.70 -13.51 -41.98
C THR C 4 18.38 -14.77 -42.53
N VAL C 5 17.99 -15.16 -43.74
CA VAL C 5 18.58 -16.34 -44.37
C VAL C 5 19.55 -15.91 -45.45
N TYR C 6 20.72 -16.54 -45.46
CA TYR C 6 21.77 -16.20 -46.42
C TYR C 6 22.09 -17.29 -47.41
N LYS C 7 22.46 -16.87 -48.61
CA LYS C 7 22.82 -17.79 -49.67
C LYS C 7 24.08 -18.56 -49.29
N ASP C 8 25.07 -17.87 -48.74
CA ASP C 8 26.32 -18.54 -48.39
C ASP C 8 26.55 -18.69 -46.90
N CYS C 9 27.54 -19.50 -46.54
CA CYS C 9 27.87 -19.72 -45.14
C CYS C 9 28.49 -18.45 -44.54
N ASN C 10 28.44 -18.34 -43.23
CA ASN C 10 29.02 -17.20 -42.52
C ASN C 10 28.27 -15.87 -42.76
N TYR C 11 26.96 -15.99 -42.99
CA TYR C 11 26.10 -14.82 -43.18
C TYR C 11 26.56 -13.88 -44.29
N THR C 12 26.82 -14.45 -45.46
CA THR C 12 27.24 -13.69 -46.62
C THR C 12 26.43 -14.15 -47.83
N GLY C 13 26.51 -13.41 -48.93
CA GLY C 13 25.74 -13.77 -50.10
C GLY C 13 24.35 -13.17 -50.01
N PHE C 14 23.53 -13.34 -51.04
CA PHE C 14 22.19 -12.79 -51.05
C PHE C 14 21.41 -13.18 -49.80
N SER C 15 20.76 -12.22 -49.17
CA SER C 15 20.00 -12.50 -47.96
C SER C 15 18.54 -12.08 -48.06
N GLY C 16 17.71 -12.72 -47.25
CA GLY C 16 16.29 -12.42 -47.21
C GLY C 16 15.86 -12.29 -45.76
N GLY C 17 15.14 -11.22 -45.45
CA GLY C 17 14.69 -11.02 -44.08
C GLY C 17 13.29 -11.55 -43.86
N LEU C 18 13.08 -12.28 -42.77
CA LEU C 18 11.77 -12.83 -42.47
C LEU C 18 11.26 -12.32 -41.12
N THR C 19 9.94 -12.34 -40.97
CA THR C 19 9.28 -11.94 -39.73
C THR C 19 8.37 -13.10 -39.37
N ILE C 20 7.67 -13.02 -38.24
CA ILE C 20 6.76 -14.08 -37.84
C ILE C 20 5.81 -14.42 -38.99
N GLY C 21 5.62 -15.71 -39.24
CA GLY C 21 4.74 -16.12 -40.32
C GLY C 21 5.21 -17.33 -41.09
N ASP C 22 4.45 -17.71 -42.11
CA ASP C 22 4.78 -18.88 -42.94
C ASP C 22 5.33 -18.47 -44.31
N TYR C 23 6.44 -19.09 -44.69
CA TYR C 23 7.06 -18.79 -45.96
C TYR C 23 7.21 -20.02 -46.87
N ASN C 24 6.29 -20.21 -47.80
CA ASN C 24 6.45 -21.32 -48.72
C ASN C 24 7.45 -20.88 -49.77
N LEU C 25 7.80 -21.76 -50.70
CA LEU C 25 8.79 -21.42 -51.72
C LEU C 25 8.41 -20.16 -52.48
N ALA C 26 7.14 -20.05 -52.85
CA ALA C 26 6.69 -18.88 -53.58
C ALA C 26 7.03 -17.61 -52.80
N ARG C 27 6.75 -17.62 -51.50
CA ARG C 27 7.02 -16.44 -50.69
C ARG C 27 8.51 -16.18 -50.54
N LEU C 28 9.32 -17.23 -50.42
CA LEU C 28 10.76 -17.03 -50.32
C LEU C 28 11.26 -16.40 -51.62
N ASN C 29 10.76 -16.89 -52.74
CA ASN C 29 11.12 -16.36 -54.06
C ASN C 29 10.75 -14.89 -54.21
N SER C 30 9.67 -14.45 -53.57
CA SER C 30 9.27 -13.05 -53.67
C SER C 30 10.27 -12.14 -52.98
N LEU C 31 11.15 -12.75 -52.18
CA LEU C 31 12.18 -12.01 -51.46
C LEU C 31 13.52 -12.18 -52.18
N GLY C 32 13.52 -13.02 -53.21
CA GLY C 32 14.73 -13.27 -53.97
C GLY C 32 15.49 -14.49 -53.46
N VAL C 33 14.93 -15.12 -52.42
CA VAL C 33 15.54 -16.31 -51.81
C VAL C 33 15.19 -17.56 -52.63
N LEU C 34 16.20 -18.30 -53.02
CA LEU C 34 16.03 -19.50 -53.85
C LEU C 34 15.84 -20.79 -53.06
N ASN C 35 15.25 -21.78 -53.74
CA ASN C 35 15.02 -23.10 -53.20
C ASN C 35 16.36 -23.81 -53.12
N ASP C 36 16.50 -24.75 -52.18
CA ASP C 36 17.74 -25.51 -52.02
C ASP C 36 18.95 -24.60 -52.21
N ASP C 37 18.97 -23.49 -51.48
CA ASP C 37 20.05 -22.53 -51.64
C ASP C 37 20.57 -21.91 -50.34
N ILE C 38 19.74 -21.84 -49.31
CA ILE C 38 20.16 -21.25 -48.04
C ILE C 38 21.28 -22.04 -47.35
N SER C 39 22.30 -21.33 -46.87
CA SER C 39 23.42 -21.97 -46.19
C SER C 39 23.66 -21.53 -44.76
N SER C 40 23.17 -20.35 -44.38
CA SER C 40 23.33 -19.88 -43.02
C SER C 40 22.19 -18.93 -42.68
N LEU C 41 21.95 -18.72 -41.39
CA LEU C 41 20.90 -17.81 -40.95
C LEU C 41 21.09 -17.23 -39.56
N ARG C 42 20.60 -16.01 -39.39
CA ARG C 42 20.66 -15.31 -38.11
C ARG C 42 19.30 -15.42 -37.47
N ILE C 43 19.27 -15.79 -36.20
CA ILE C 43 18.03 -15.93 -35.45
C ILE C 43 18.03 -14.93 -34.29
N THR C 44 17.14 -13.96 -34.32
CA THR C 44 17.10 -13.00 -33.22
C THR C 44 16.57 -13.67 -31.97
N GLN C 45 17.22 -13.40 -30.84
CA GLN C 45 16.82 -13.98 -29.57
C GLN C 45 15.32 -13.79 -29.34
N GLY C 46 14.65 -14.87 -28.96
CA GLY C 46 13.21 -14.80 -28.71
C GLY C 46 12.41 -15.35 -29.87
N TYR C 47 13.10 -15.76 -30.93
CA TYR C 47 12.45 -16.30 -32.12
C TYR C 47 13.14 -17.57 -32.58
N GLN C 48 12.51 -18.26 -33.51
CA GLN C 48 13.07 -19.49 -34.04
C GLN C 48 12.54 -19.75 -35.44
N ALA C 49 13.34 -20.41 -36.25
CA ALA C 49 12.97 -20.74 -37.60
C ALA C 49 12.81 -22.25 -37.73
N ILE C 50 11.69 -22.68 -38.28
CA ILE C 50 11.49 -24.11 -38.49
C ILE C 50 11.75 -24.31 -39.98
N LEU C 51 12.83 -25.01 -40.30
CA LEU C 51 13.20 -25.28 -41.69
C LEU C 51 12.55 -26.58 -42.16
N TYR C 52 12.09 -26.58 -43.41
CA TYR C 52 11.44 -27.75 -43.99
C TYR C 52 12.16 -28.19 -45.26
N GLN C 53 12.28 -29.50 -45.44
CA GLN C 53 12.93 -30.04 -46.62
C GLN C 53 12.12 -29.72 -47.87
N ASP C 54 10.81 -29.92 -47.80
CA ASP C 54 9.98 -29.67 -48.98
C ASP C 54 9.18 -28.40 -48.89
N ASP C 55 8.58 -28.00 -50.01
CA ASP C 55 7.77 -26.80 -50.07
C ASP C 55 6.51 -27.05 -49.24
N ASN C 56 5.78 -25.97 -48.95
CA ASN C 56 4.55 -26.05 -48.18
C ASN C 56 4.70 -26.77 -46.83
N PHE C 57 5.86 -26.56 -46.20
CA PHE C 57 6.15 -27.13 -44.89
C PHE C 57 5.99 -28.63 -44.82
N GLY C 58 6.46 -29.32 -45.86
CA GLY C 58 6.38 -30.76 -45.90
C GLY C 58 7.76 -31.39 -45.75
N GLY C 59 7.80 -32.70 -45.55
CA GLY C 59 9.06 -33.38 -45.39
C GLY C 59 9.65 -33.19 -44.00
N ALA C 60 10.91 -33.57 -43.85
CA ALA C 60 11.59 -33.44 -42.57
C ALA C 60 11.76 -31.99 -42.20
N SER C 61 11.84 -31.71 -40.91
CA SER C 61 12.00 -30.35 -40.42
C SER C 61 13.02 -30.28 -39.28
N THR C 62 13.50 -29.08 -38.99
CA THR C 62 14.45 -28.89 -37.92
C THR C 62 14.28 -27.47 -37.41
N VAL C 63 14.46 -27.27 -36.11
CA VAL C 63 14.31 -25.96 -35.49
C VAL C 63 15.66 -25.31 -35.24
N ILE C 64 15.79 -24.06 -35.68
CA ILE C 64 17.00 -23.28 -35.49
C ILE C 64 16.66 -22.16 -34.51
N ASN C 65 17.26 -22.16 -33.32
CA ASN C 65 16.96 -21.12 -32.35
C ASN C 65 18.14 -20.24 -31.97
N SER C 66 19.22 -20.34 -32.75
CA SER C 66 20.40 -19.53 -32.55
C SER C 66 21.12 -19.46 -33.90
N ASP C 67 21.91 -18.40 -34.11
CA ASP C 67 22.61 -18.24 -35.38
C ASP C 67 23.34 -19.51 -35.81
N ASN C 68 23.17 -19.90 -37.06
CA ASN C 68 23.83 -21.07 -37.60
C ASN C 68 24.65 -20.56 -38.79
N SER C 69 25.97 -20.59 -38.67
CA SER C 69 26.85 -20.08 -39.72
C SER C 69 27.07 -20.96 -40.95
N CYS C 70 26.66 -22.22 -40.89
CA CYS C 70 26.84 -23.12 -42.02
C CYS C 70 26.08 -24.39 -41.75
N LEU C 71 24.93 -24.54 -42.41
CA LEU C 71 24.08 -25.70 -42.22
C LEU C 71 24.81 -26.99 -42.59
N ASN C 72 24.44 -28.08 -41.92
CA ASN C 72 25.10 -29.33 -42.21
C ASN C 72 24.66 -29.89 -43.56
N THR C 73 25.19 -31.05 -43.93
CA THR C 73 24.90 -31.65 -45.22
C THR C 73 23.43 -31.99 -45.45
N THR C 74 22.71 -32.32 -44.38
CA THR C 74 21.30 -32.65 -44.50
C THR C 74 20.46 -31.41 -44.79
N TRP C 75 20.90 -30.26 -44.29
CA TRP C 75 20.15 -29.01 -44.45
C TRP C 75 20.69 -27.93 -45.37
N ASN C 76 21.99 -27.97 -45.68
CA ASN C 76 22.56 -26.96 -46.55
C ASN C 76 22.07 -27.14 -47.99
N ASP C 77 21.62 -26.03 -48.60
CA ASP C 77 21.12 -26.06 -49.97
C ASP C 77 19.98 -27.05 -50.12
N LYS C 78 19.16 -27.16 -49.08
CA LYS C 78 18.03 -28.10 -49.10
C LYS C 78 16.71 -27.51 -48.62
N VAL C 79 16.73 -26.33 -48.02
CA VAL C 79 15.49 -25.74 -47.51
C VAL C 79 14.54 -25.28 -48.62
N SER C 80 13.27 -25.68 -48.50
CA SER C 80 12.26 -25.31 -49.49
C SER C 80 11.11 -24.49 -48.93
N SER C 81 10.99 -24.44 -47.61
CA SER C 81 9.96 -23.63 -46.95
C SER C 81 10.35 -23.42 -45.50
N ILE C 82 9.86 -22.34 -44.92
CA ILE C 82 10.22 -21.98 -43.54
C ILE C 82 9.05 -21.38 -42.77
N ARG C 83 8.99 -21.66 -41.48
CA ARG C 83 7.98 -21.10 -40.60
C ARG C 83 8.75 -20.33 -39.54
N VAL C 84 8.31 -19.11 -39.25
CA VAL C 84 8.97 -18.29 -38.24
C VAL C 84 8.00 -18.06 -37.10
N ILE C 85 8.41 -18.38 -35.87
CA ILE C 85 7.55 -18.21 -34.71
C ILE C 85 8.29 -17.59 -33.52
N ALA C 86 7.53 -17.22 -32.49
CA ALA C 86 8.10 -16.63 -31.30
C ALA C 86 8.65 -17.78 -30.44
N ASN C 87 9.82 -17.57 -29.87
CA ASN C 87 10.46 -18.59 -29.03
C ASN C 87 10.39 -18.20 -27.56
N GLY C 88 11.46 -17.59 -27.06
CA GLY C 88 11.51 -17.17 -25.67
C GLY C 88 12.90 -16.77 -25.24
N ASP D 1 17.34 -5.66 -25.00
CA ASP D 1 18.81 -5.88 -25.12
C ASP D 1 19.14 -6.46 -26.48
N VAL D 2 20.35 -6.20 -26.97
CA VAL D 2 20.77 -6.70 -28.27
C VAL D 2 21.84 -7.76 -28.13
N ILE D 3 22.39 -7.89 -26.93
CA ILE D 3 23.40 -8.89 -26.66
C ILE D 3 23.15 -9.51 -25.30
N THR D 4 23.22 -10.83 -25.23
CA THR D 4 23.03 -11.52 -23.97
C THR D 4 24.26 -12.38 -23.75
N VAL D 5 24.92 -12.21 -22.60
CA VAL D 5 26.10 -12.99 -22.28
C VAL D 5 25.73 -14.06 -21.26
N TYR D 6 26.16 -15.29 -21.53
CA TYR D 6 25.83 -16.42 -20.66
C TYR D 6 27.02 -16.99 -19.89
N LYS D 7 26.72 -17.49 -18.70
CA LYS D 7 27.76 -18.07 -17.85
C LYS D 7 28.30 -19.34 -18.49
N ASP D 8 27.42 -20.16 -19.07
CA ASP D 8 27.86 -21.42 -19.68
C ASP D 8 27.78 -21.43 -21.20
N CYS D 9 28.34 -22.47 -21.80
CA CYS D 9 28.31 -22.63 -23.24
C CYS D 9 26.89 -23.05 -23.65
N ASN D 10 26.55 -22.85 -24.92
CA ASN D 10 25.25 -23.21 -25.43
C ASN D 10 24.11 -22.35 -24.90
N TYR D 11 24.44 -21.10 -24.57
CA TYR D 11 23.46 -20.13 -24.08
C TYR D 11 22.67 -20.57 -22.86
N THR D 12 23.37 -21.08 -21.85
CA THR D 12 22.72 -21.52 -20.62
C THR D 12 23.47 -20.91 -19.45
N GLY D 13 22.90 -21.04 -18.25
CA GLY D 13 23.53 -20.48 -17.06
C GLY D 13 23.13 -19.03 -16.87
N PHE D 14 23.54 -18.43 -15.76
CA PHE D 14 23.19 -17.03 -15.50
C PHE D 14 23.51 -16.17 -16.70
N SER D 15 22.57 -15.32 -17.09
CA SER D 15 22.76 -14.46 -18.25
C SER D 15 22.61 -12.99 -17.93
N GLY D 16 23.22 -12.15 -18.77
CA GLY D 16 23.13 -10.72 -18.59
C GLY D 16 22.81 -10.07 -19.92
N GLY D 17 21.88 -9.11 -19.91
CA GLY D 17 21.52 -8.44 -21.14
C GLY D 17 22.23 -7.11 -21.31
N LEU D 18 22.81 -6.90 -22.49
CA LEU D 18 23.52 -5.66 -22.77
C LEU D 18 22.89 -4.91 -23.94
N THR D 19 23.03 -3.59 -23.92
CA THR D 19 22.53 -2.74 -24.99
C THR D 19 23.75 -1.97 -25.49
N ILE D 20 23.57 -1.11 -26.49
CA ILE D 20 24.69 -0.35 -27.00
C ILE D 20 25.37 0.43 -25.88
N GLY D 21 26.70 0.39 -25.85
CA GLY D 21 27.42 1.10 -24.81
C GLY D 21 28.65 0.39 -24.29
N ASP D 22 29.24 0.94 -23.23
CA ASP D 22 30.43 0.36 -22.65
C ASP D 22 30.14 -0.33 -21.32
N TYR D 23 30.73 -1.51 -21.15
CA TYR D 23 30.57 -2.28 -19.93
C TYR D 23 31.90 -2.70 -19.31
N ASN D 24 32.37 -1.94 -18.33
CA ASN D 24 33.61 -2.31 -17.66
C ASN D 24 33.21 -3.39 -16.66
N LEU D 25 34.14 -3.92 -15.90
CA LEU D 25 33.80 -4.99 -14.95
C LEU D 25 32.71 -4.56 -13.97
N ALA D 26 32.84 -3.36 -13.41
CA ALA D 26 31.85 -2.87 -12.45
C ALA D 26 30.45 -2.93 -13.04
N ARG D 27 30.29 -2.50 -14.28
CA ARG D 27 28.98 -2.51 -14.89
C ARG D 27 28.47 -3.93 -15.16
N LEU D 28 29.37 -4.84 -15.54
CA LEU D 28 28.94 -6.22 -15.78
C LEU D 28 28.43 -6.79 -14.45
N ASN D 29 29.13 -6.46 -13.37
CA ASN D 29 28.76 -6.95 -12.03
C ASN D 29 27.39 -6.43 -11.61
N SER D 30 27.03 -5.23 -12.07
CA SER D 30 25.74 -4.64 -11.72
C SER D 30 24.61 -5.47 -12.32
N LEU D 31 24.97 -6.35 -13.26
CA LEU D 31 24.00 -7.22 -13.93
C LEU D 31 24.11 -8.63 -13.37
N GLY D 32 25.07 -8.84 -12.47
CA GLY D 32 25.27 -10.15 -11.88
C GLY D 32 26.27 -10.96 -12.67
N VAL D 33 26.85 -10.34 -13.70
CA VAL D 33 27.83 -11.00 -14.56
C VAL D 33 29.22 -10.90 -13.95
N LEU D 34 29.86 -12.05 -13.78
CA LEU D 34 31.20 -12.13 -13.18
C LEU D 34 32.37 -11.99 -14.16
N ASN D 35 33.53 -11.62 -13.61
CA ASN D 35 34.75 -11.46 -14.38
C ASN D 35 35.24 -12.86 -14.78
N ASP D 36 35.95 -12.96 -15.90
CA ASP D 36 36.47 -14.25 -16.36
C ASP D 36 35.46 -15.37 -16.15
N ASP D 37 34.26 -15.18 -16.70
CA ASP D 37 33.18 -16.15 -16.50
C ASP D 37 32.28 -16.39 -17.72
N ILE D 38 32.17 -15.42 -18.61
CA ILE D 38 31.31 -15.57 -19.79
C ILE D 38 31.80 -16.68 -20.71
N SER D 39 30.86 -17.52 -21.18
CA SER D 39 31.22 -18.63 -22.07
C SER D 39 30.50 -18.67 -23.42
N SER D 40 29.40 -17.93 -23.54
CA SER D 40 28.69 -17.89 -24.80
C SER D 40 27.87 -16.61 -24.83
N LEU D 41 27.44 -16.21 -26.01
CA LEU D 41 26.66 -14.99 -26.12
C LEU D 41 25.86 -14.92 -27.40
N ARG D 42 24.71 -14.28 -27.32
CA ARG D 42 23.84 -14.09 -28.47
C ARG D 42 24.04 -12.65 -28.93
N ILE D 43 24.15 -12.46 -30.23
CA ILE D 43 24.33 -11.13 -30.81
C ILE D 43 23.17 -10.89 -31.77
N THR D 44 22.34 -9.88 -31.50
CA THR D 44 21.24 -9.58 -32.40
C THR D 44 21.73 -8.92 -33.68
N GLN D 45 21.14 -9.31 -34.81
CA GLN D 45 21.50 -8.76 -36.10
C GLN D 45 21.55 -7.23 -36.03
N GLY D 46 22.61 -6.64 -36.57
CA GLY D 46 22.74 -5.20 -36.57
C GLY D 46 23.70 -4.66 -35.51
N TYR D 47 24.20 -5.55 -34.67
CA TYR D 47 25.13 -5.15 -33.61
C TYR D 47 26.35 -6.05 -33.55
N GLN D 48 27.37 -5.58 -32.83
CA GLN D 48 28.61 -6.33 -32.66
C GLN D 48 29.08 -6.14 -31.23
N ALA D 49 29.75 -7.15 -30.68
CA ALA D 49 30.27 -7.07 -29.33
C ALA D 49 31.78 -7.16 -29.36
N ILE D 50 32.45 -6.17 -28.77
CA ILE D 50 33.90 -6.20 -28.70
C ILE D 50 34.23 -6.70 -27.31
N LEU D 51 34.85 -7.88 -27.23
CA LEU D 51 35.23 -8.47 -25.96
C LEU D 51 36.68 -8.12 -25.66
N TYR D 52 36.97 -7.82 -24.39
CA TYR D 52 38.31 -7.45 -23.97
C TYR D 52 38.84 -8.38 -22.89
N GLN D 53 40.12 -8.72 -22.98
CA GLN D 53 40.74 -9.57 -21.98
C GLN D 53 40.80 -8.85 -20.65
N ASP D 54 41.05 -7.55 -20.64
CA ASP D 54 41.13 -6.83 -19.37
C ASP D 54 39.98 -5.87 -19.11
N ASP D 55 39.92 -5.39 -17.87
CA ASP D 55 38.90 -4.45 -17.44
C ASP D 55 39.17 -3.14 -18.19
N ASN D 56 38.19 -2.25 -18.17
CA ASN D 56 38.30 -0.95 -18.83
C ASN D 56 38.79 -1.00 -20.27
N PHE D 57 38.35 -2.04 -20.98
CA PHE D 57 38.66 -2.22 -22.40
C PHE D 57 40.14 -2.25 -22.76
N GLY D 58 40.92 -2.92 -21.93
CA GLY D 58 42.34 -3.03 -22.19
C GLY D 58 42.71 -4.43 -22.62
N GLY D 59 43.95 -4.60 -23.05
CA GLY D 59 44.42 -5.92 -23.48
C GLY D 59 43.88 -6.35 -24.81
N ALA D 60 44.09 -7.61 -25.14
CA ALA D 60 43.64 -8.17 -26.41
C ALA D 60 42.11 -8.07 -26.52
N SER D 61 41.63 -7.96 -27.76
CA SER D 61 40.21 -7.88 -28.01
C SER D 61 39.83 -8.75 -29.18
N THR D 62 38.53 -8.97 -29.33
CA THR D 62 38.00 -9.75 -30.43
C THR D 62 36.60 -9.24 -30.66
N VAL D 63 36.15 -9.26 -31.90
CA VAL D 63 34.81 -8.77 -32.22
C VAL D 63 33.90 -9.94 -32.60
N ILE D 64 32.76 -10.03 -31.91
CA ILE D 64 31.80 -11.09 -32.15
C ILE D 64 30.64 -10.49 -32.97
N ASN D 65 30.44 -10.99 -34.18
CA ASN D 65 29.41 -10.49 -35.10
C ASN D 65 28.15 -11.35 -35.14
N SER D 66 28.18 -12.50 -34.47
CA SER D 66 27.05 -13.40 -34.47
C SER D 66 27.09 -14.31 -33.24
N ASP D 67 25.99 -14.98 -32.95
CA ASP D 67 25.90 -15.85 -31.79
C ASP D 67 27.11 -16.78 -31.72
N ASN D 68 27.69 -16.88 -30.53
CA ASN D 68 28.83 -17.77 -30.33
C ASN D 68 28.43 -18.69 -29.17
N SER D 69 28.23 -19.96 -29.47
CA SER D 69 27.79 -20.93 -28.47
C SER D 69 28.84 -21.41 -27.47
N CYS D 70 30.10 -21.08 -27.71
CA CYS D 70 31.16 -21.50 -26.80
C CYS D 70 32.48 -20.84 -27.18
N LEU D 71 32.91 -19.88 -26.38
CA LEU D 71 34.16 -19.17 -26.64
C LEU D 71 35.33 -20.13 -26.62
N ASN D 72 36.36 -19.83 -27.40
CA ASN D 72 37.52 -20.71 -27.46
C ASN D 72 38.43 -20.63 -26.23
N THR D 73 39.52 -21.38 -26.25
CA THR D 73 40.45 -21.41 -25.13
C THR D 73 40.96 -20.04 -24.73
N THR D 74 41.21 -19.18 -25.71
CA THR D 74 41.71 -17.84 -25.46
C THR D 74 40.68 -16.91 -24.84
N TRP D 75 39.41 -17.12 -25.19
CA TRP D 75 38.36 -16.24 -24.71
C TRP D 75 37.39 -16.76 -23.65
N ASN D 76 37.31 -18.07 -23.49
CA ASN D 76 36.38 -18.60 -22.50
C ASN D 76 36.85 -18.29 -21.08
N ASP D 77 35.92 -17.78 -20.26
CA ASP D 77 36.25 -17.44 -18.87
C ASP D 77 37.41 -16.45 -18.80
N LYS D 78 37.46 -15.51 -19.73
CA LYS D 78 38.53 -14.53 -19.76
C LYS D 78 38.05 -13.09 -19.98
N VAL D 79 36.79 -12.91 -20.35
CA VAL D 79 36.31 -11.56 -20.61
C VAL D 79 36.16 -10.70 -19.36
N SER D 80 36.72 -9.50 -19.40
CA SER D 80 36.66 -8.58 -18.26
C SER D 80 35.94 -7.27 -18.52
N SER D 81 35.71 -6.96 -19.79
CA SER D 81 34.98 -5.76 -20.18
C SER D 81 34.46 -5.97 -21.59
N ILE D 82 33.37 -5.29 -21.92
CA ILE D 82 32.74 -5.45 -23.22
C ILE D 82 32.21 -4.13 -23.76
N ARG D 83 32.30 -3.95 -25.07
CA ARG D 83 31.77 -2.75 -25.71
C ARG D 83 30.79 -3.22 -26.79
N VAL D 84 29.58 -2.68 -26.74
CA VAL D 84 28.55 -3.02 -27.72
C VAL D 84 28.32 -1.85 -28.67
N ILE D 85 28.33 -2.15 -29.97
CA ILE D 85 28.14 -1.10 -30.98
C ILE D 85 27.19 -1.55 -32.08
N ALA D 86 26.67 -0.57 -32.83
CA ALA D 86 25.81 -0.86 -33.96
C ALA D 86 26.82 -1.33 -35.00
N ASN D 87 26.39 -2.11 -36.00
CA ASN D 87 27.35 -2.61 -36.98
C ASN D 87 27.55 -1.72 -38.21
N GLY D 88 26.92 -0.56 -38.21
CA GLY D 88 27.08 0.35 -39.35
C GLY D 88 26.14 0.12 -40.52
N THR D 89 25.41 -1.00 -40.52
CA THR D 89 24.49 -1.28 -41.61
C THR D 89 23.36 -0.27 -41.53
N THR D 90 22.75 0.02 -42.68
CA THR D 90 21.67 0.99 -42.75
C THR D 90 20.45 0.40 -43.46
N ASP E 1 -17.94 5.12 25.24
CA ASP E 1 -17.81 6.57 24.93
C ASP E 1 -17.82 7.39 26.21
N VAL E 2 -17.08 8.49 26.19
CA VAL E 2 -17.00 9.35 27.36
C VAL E 2 -17.74 10.65 27.14
N ILE E 3 -18.08 10.92 25.88
CA ILE E 3 -18.81 12.13 25.54
C ILE E 3 -19.90 11.79 24.54
N THR E 4 -21.08 12.37 24.75
CA THR E 4 -22.19 12.15 23.83
C THR E 4 -22.71 13.52 23.44
N VAL E 5 -22.78 13.77 22.13
CA VAL E 5 -23.27 15.05 21.64
C VAL E 5 -24.66 14.84 21.06
N TYR E 6 -25.58 15.74 21.43
CA TYR E 6 -26.96 15.64 20.98
C TYR E 6 -27.38 16.74 20.04
N LYS E 7 -28.29 16.38 19.15
CA LYS E 7 -28.81 17.32 18.18
C LYS E 7 -29.64 18.38 18.91
N ASP E 8 -30.43 17.97 19.89
CA ASP E 8 -31.27 18.94 20.61
C ASP E 8 -30.83 19.22 22.04
N CYS E 9 -31.44 20.25 22.63
CA CYS E 9 -31.13 20.59 24.01
C CYS E 9 -31.75 19.54 24.94
N ASN E 10 -31.28 19.47 26.17
CA ASN E 10 -31.78 18.51 27.15
C ASN E 10 -31.46 17.06 26.82
N TYR E 11 -30.34 16.84 26.14
CA TYR E 11 -29.88 15.51 25.80
C TYR E 11 -30.87 14.65 25.01
N THR E 12 -31.47 15.25 23.98
CA THR E 12 -32.43 14.55 23.14
C THR E 12 -32.05 14.76 21.67
N GLY E 13 -32.70 13.99 20.79
CA GLY E 13 -32.40 14.12 19.38
C GLY E 13 -31.27 13.19 18.99
N PHE E 14 -30.97 13.12 17.69
CA PHE E 14 -29.88 12.25 17.24
C PHE E 14 -28.62 12.50 18.04
N SER E 15 -27.97 11.42 18.48
CA SER E 15 -26.76 11.58 19.26
C SER E 15 -25.56 10.83 18.67
N GLY E 16 -24.37 11.27 19.06
CA GLY E 16 -23.14 10.64 18.61
C GLY E 16 -22.23 10.47 19.80
N GLY E 17 -21.59 9.31 19.90
CA GLY E 17 -20.68 9.05 21.00
C GLY E 17 -19.23 9.29 20.61
N LEU E 18 -18.49 9.97 21.48
CA LEU E 18 -17.09 10.26 21.22
C LEU E 18 -16.20 9.70 22.32
N THR E 19 -14.96 9.38 21.97
CA THR E 19 -13.98 8.89 22.92
C THR E 19 -12.78 9.82 22.77
N ILE E 20 -11.76 9.65 23.60
CA ILE E 20 -10.57 10.50 23.50
C ILE E 20 -10.04 10.57 22.07
N GLY E 21 -9.77 11.79 21.60
CA GLY E 21 -9.25 11.94 20.25
C GLY E 21 -9.76 13.18 19.53
N ASP E 22 -9.40 13.30 18.25
CA ASP E 22 -9.79 14.43 17.44
C ASP E 22 -10.96 14.10 16.51
N TYR E 23 -11.91 15.03 16.43
CA TYR E 23 -13.08 14.86 15.58
C TYR E 23 -13.30 16.07 14.67
N ASN E 24 -12.79 16.02 13.43
CA ASN E 24 -13.03 17.13 12.52
C ASN E 24 -14.44 16.87 12.00
N LEU E 25 -14.97 17.75 11.15
CA LEU E 25 -16.32 17.57 10.65
C LEU E 25 -16.53 16.23 9.95
N ALA E 26 -15.58 15.82 9.12
CA ALA E 26 -15.70 14.55 8.41
C ALA E 26 -15.92 13.42 9.41
N ARG E 27 -15.18 13.41 10.51
CA ARG E 27 -15.34 12.35 11.49
C ARG E 27 -16.67 12.45 12.23
N LEU E 28 -17.12 13.67 12.51
CA LEU E 28 -18.41 13.83 13.17
C LEU E 28 -19.49 13.27 12.25
N ASN E 29 -19.36 13.53 10.95
CA ASN E 29 -20.32 13.06 9.96
C ASN E 29 -20.34 11.52 9.88
N SER E 30 -19.20 10.90 10.16
CA SER E 30 -19.11 9.44 10.10
C SER E 30 -19.98 8.83 11.22
N LEU E 31 -20.35 9.67 12.17
CA LEU E 31 -21.18 9.25 13.30
C LEU E 31 -22.62 9.69 13.07
N GLY E 32 -22.85 10.41 11.98
CA GLY E 32 -24.18 10.90 11.66
C GLY E 32 -24.41 12.28 12.26
N VAL E 33 -23.38 12.83 12.88
CA VAL E 33 -23.47 14.15 13.51
C VAL E 33 -23.19 15.24 12.47
N LEU E 34 -24.11 16.20 12.38
CA LEU E 34 -24.02 17.30 11.43
C LEU E 34 -23.29 18.55 11.91
N ASN E 35 -22.79 19.33 10.96
CA ASN E 35 -22.10 20.59 11.23
C ASN E 35 -23.14 21.57 11.78
N ASP E 36 -22.69 22.55 12.58
CA ASP E 36 -23.57 23.58 13.14
C ASP E 36 -24.92 22.99 13.54
N ASP E 37 -24.88 21.95 14.37
CA ASP E 37 -26.10 21.24 14.77
C ASP E 37 -26.16 20.79 16.23
N ILE E 38 -25.01 20.56 16.85
CA ILE E 38 -25.01 20.10 18.25
C ILE E 38 -25.59 21.16 19.19
N SER E 39 -26.43 20.71 20.13
CA SER E 39 -27.06 21.61 21.08
C SER E 39 -26.87 21.30 22.56
N SER E 40 -26.48 20.07 22.87
CA SER E 40 -26.23 19.70 24.26
C SER E 40 -25.27 18.52 24.25
N LEU E 41 -24.66 18.23 25.38
CA LEU E 41 -23.73 17.11 25.44
C LEU E 41 -23.46 16.65 26.86
N ARG E 42 -23.19 15.35 26.99
CA ARG E 42 -22.86 14.76 28.28
C ARG E 42 -21.37 14.55 28.29
N ILE E 43 -20.75 14.86 29.42
CA ILE E 43 -19.31 14.72 29.60
C ILE E 43 -19.09 13.80 30.80
N THR E 44 -18.48 12.65 30.58
CA THR E 44 -18.21 11.75 31.70
C THR E 44 -17.06 12.28 32.55
N GLN E 45 -17.19 12.14 33.85
CA GLN E 45 -16.17 12.58 34.80
C GLN E 45 -14.79 12.08 34.35
N GLY E 46 -13.79 12.95 34.40
CA GLY E 46 -12.45 12.56 34.02
C GLY E 46 -12.05 12.99 32.62
N TYR E 47 -13.00 13.59 31.90
CA TYR E 47 -12.74 14.03 30.53
C TYR E 47 -13.23 15.44 30.30
N GLN E 48 -12.77 16.02 29.21
CA GLN E 48 -13.16 17.38 28.83
C GLN E 48 -13.35 17.45 27.32
N ALA E 49 -14.29 18.27 26.88
CA ALA E 49 -14.53 18.42 25.46
C ALA E 49 -14.20 19.84 25.01
N ILE E 50 -13.32 19.96 24.02
CA ILE E 50 -12.98 21.28 23.49
C ILE E 50 -13.80 21.42 22.21
N LEU E 51 -14.71 22.39 22.20
CA LEU E 51 -15.55 22.63 21.03
C LEU E 51 -14.92 23.75 20.22
N TYR E 52 -15.00 23.66 18.89
CA TYR E 52 -14.44 24.66 18.00
C TYR E 52 -15.50 25.20 17.06
N GLN E 53 -15.42 26.50 16.78
CA GLN E 53 -16.36 27.12 15.87
C GLN E 53 -16.14 26.63 14.46
N ASP E 54 -14.88 26.44 14.05
CA ASP E 54 -14.62 25.97 12.70
C ASP E 54 -14.14 24.53 12.61
N ASP E 55 -14.11 24.02 11.38
CA ASP E 55 -13.67 22.67 11.12
C ASP E 55 -12.17 22.61 11.41
N ASN E 56 -11.65 21.40 11.52
CA ASN E 56 -10.23 21.17 11.79
C ASN E 56 -9.68 21.96 12.97
N PHE E 57 -10.51 22.10 14.00
CA PHE E 57 -10.11 22.76 15.23
C PHE E 57 -9.64 24.21 15.08
N GLY E 58 -10.32 24.96 14.23
CA GLY E 58 -9.97 26.35 14.03
C GLY E 58 -11.02 27.27 14.63
N GLY E 59 -10.72 28.56 14.65
CA GLY E 59 -11.68 29.52 15.19
C GLY E 59 -11.76 29.51 16.70
N ALA E 60 -12.75 30.21 17.23
CA ALA E 60 -12.93 30.28 18.68
C ALA E 60 -13.19 28.90 19.24
N SER E 61 -12.83 28.72 20.51
CA SER E 61 -13.02 27.45 21.18
C SER E 61 -13.53 27.67 22.60
N THR E 62 -14.07 26.61 23.19
CA THR E 62 -14.56 26.66 24.55
C THR E 62 -14.37 25.26 25.09
N VAL E 63 -14.11 25.14 26.38
CA VAL E 63 -13.90 23.84 26.98
C VAL E 63 -15.06 23.48 27.91
N ILE E 64 -15.67 22.33 27.65
CA ILE E 64 -16.80 21.85 28.43
C ILE E 64 -16.33 20.77 29.40
N ASN E 65 -16.45 21.05 30.70
CA ASN E 65 -16.00 20.14 31.76
C ASN E 65 -17.10 19.30 32.40
N SER E 66 -18.35 19.55 32.02
CA SER E 66 -19.48 18.83 32.59
C SER E 66 -20.68 18.91 31.65
N ASP E 67 -21.68 18.08 31.90
CA ASP E 67 -22.87 18.05 31.08
C ASP E 67 -23.42 19.45 30.85
N ASN E 68 -23.72 19.76 29.58
CA ASN E 68 -24.29 21.05 29.24
C ASN E 68 -25.59 20.74 28.52
N SER E 69 -26.71 21.07 29.16
CA SER E 69 -28.03 20.77 28.60
C SER E 69 -28.52 21.64 27.45
N CYS E 70 -27.83 22.75 27.19
CA CYS E 70 -28.23 23.64 26.10
C CYS E 70 -27.16 24.70 25.90
N LEU E 71 -26.41 24.57 24.80
CA LEU E 71 -25.35 25.51 24.48
C LEU E 71 -25.93 26.91 24.29
N ASN E 72 -25.13 27.93 24.61
CA ASN E 72 -25.61 29.30 24.48
C ASN E 72 -25.66 29.82 23.05
N THR E 73 -26.07 31.07 22.91
CA THR E 73 -26.21 31.69 21.59
C THR E 73 -24.95 31.59 20.74
N THR E 74 -23.79 31.72 21.39
CA THR E 74 -22.52 31.66 20.67
C THR E 74 -22.16 30.26 20.22
N TRP E 75 -22.55 29.26 21.00
CA TRP E 75 -22.19 27.88 20.68
C TRP E 75 -23.25 26.94 20.12
N ASN E 76 -24.52 27.26 20.33
CA ASN E 76 -25.58 26.38 19.83
C ASN E 76 -25.62 26.37 18.31
N ASP E 77 -25.67 25.17 17.73
CA ASP E 77 -25.70 25.02 16.28
C ASP E 77 -24.53 25.73 15.61
N LYS E 78 -23.36 25.64 16.23
CA LYS E 78 -22.17 26.29 15.68
C LYS E 78 -20.92 25.42 15.70
N VAL E 79 -20.95 24.29 16.41
CA VAL E 79 -19.77 23.44 16.49
C VAL E 79 -19.45 22.71 15.19
N SER E 80 -18.18 22.78 14.78
CA SER E 80 -17.75 22.14 13.54
C SER E 80 -16.65 21.10 13.72
N SER E 81 -16.02 21.09 14.88
CA SER E 81 -14.99 20.10 15.19
C SER E 81 -14.87 20.04 16.71
N ILE E 82 -14.45 18.89 17.22
CA ILE E 82 -14.33 18.70 18.66
C ILE E 82 -13.10 17.90 19.00
N ARG E 83 -12.47 18.25 20.11
CA ARG E 83 -11.30 17.51 20.58
C ARG E 83 -11.65 17.06 22.00
N VAL E 84 -11.48 15.77 22.25
CA VAL E 84 -11.79 15.23 23.57
C VAL E 84 -10.50 14.78 24.23
N ILE E 85 -10.33 15.16 25.49
CA ILE E 85 -9.14 14.82 26.24
C ILE E 85 -9.44 14.36 27.66
N ALA E 86 -8.45 13.72 28.28
CA ALA E 86 -8.56 13.29 29.66
C ALA E 86 -8.39 14.61 30.38
N ASN E 87 -8.84 14.72 31.63
CA ASN E 87 -8.74 15.99 32.34
C ASN E 87 -7.50 16.14 33.22
N GLY E 88 -6.58 15.19 33.15
CA GLY E 88 -5.37 15.26 33.94
C GLY E 88 -5.46 14.75 35.37
N THR E 89 -6.67 14.48 35.86
CA THR E 89 -6.81 13.98 37.21
C THR E 89 -6.28 12.56 37.28
N THR E 90 -5.82 12.17 38.47
CA THR E 90 -5.26 10.85 38.69
C THR E 90 -6.00 10.11 39.80
N ASP F 1 -16.05 5.36 39.94
CA ASP F 1 -17.32 5.91 40.50
C ASP F 1 -18.23 6.38 39.36
N VAL F 2 -19.54 6.21 39.53
CA VAL F 2 -20.49 6.64 38.51
C VAL F 2 -21.16 7.94 38.93
N ILE F 3 -21.10 8.24 40.23
CA ILE F 3 -21.68 9.47 40.77
C ILE F 3 -20.64 10.10 41.70
N THR F 4 -20.53 11.42 41.66
CA THR F 4 -19.63 12.12 42.56
C THR F 4 -20.40 13.30 43.12
N VAL F 5 -20.48 13.38 44.45
CA VAL F 5 -21.19 14.47 45.10
C VAL F 5 -20.20 15.46 45.67
N TYR F 6 -20.48 16.75 45.48
CA TYR F 6 -19.58 17.79 45.96
C TYR F 6 -20.18 18.69 47.01
N LYS F 7 -19.31 19.18 47.90
CA LYS F 7 -19.73 20.07 48.96
C LYS F 7 -20.21 21.38 48.36
N ASP F 8 -19.48 21.95 47.42
CA ASP F 8 -19.88 23.21 46.85
C ASP F 8 -20.43 23.11 45.43
N CYS F 9 -21.00 24.21 44.95
CA CYS F 9 -21.57 24.26 43.61
C CYS F 9 -20.44 24.28 42.58
N ASN F 10 -20.76 23.87 41.36
CA ASN F 10 -19.79 23.85 40.27
C ASN F 10 -18.73 22.75 40.41
N TYR F 11 -19.11 21.67 41.08
CA TYR F 11 -18.24 20.51 41.26
C TYR F 11 -16.90 20.84 41.91
N THR F 12 -16.97 21.56 43.03
CA THR F 12 -15.78 21.93 43.80
C THR F 12 -16.02 21.63 45.27
N GLY F 13 -14.97 21.71 46.08
CA GLY F 13 -15.12 21.41 47.50
C GLY F 13 -14.99 19.90 47.72
N PHE F 14 -15.00 19.47 48.97
CA PHE F 14 -14.87 18.05 49.28
C PHE F 14 -15.83 17.18 48.48
N SER F 15 -15.32 16.12 47.88
CA SER F 15 -16.16 15.24 47.08
C SER F 15 -16.17 13.79 47.55
N GLY F 16 -17.24 13.09 47.20
CA GLY F 16 -17.37 11.69 47.55
C GLY F 16 -17.81 10.92 46.31
N GLY F 17 -17.14 9.81 46.05
CA GLY F 17 -17.49 9.01 44.89
C GLY F 17 -18.42 7.87 45.25
N LEU F 18 -19.48 7.69 44.46
CA LEU F 18 -20.44 6.63 44.74
C LEU F 18 -20.55 5.66 43.56
N THR F 19 -20.97 4.44 43.87
CA THR F 19 -21.17 3.41 42.85
C THR F 19 -22.58 2.88 43.08
N ILE F 20 -23.04 1.98 42.23
CA ILE F 20 -24.38 1.41 42.38
C ILE F 20 -24.58 0.93 43.82
N GLY F 21 -25.72 1.29 44.40
CA GLY F 21 -25.99 0.87 45.77
C GLY F 21 -26.71 1.89 46.61
N ASP F 22 -26.91 1.57 47.89
CA ASP F 22 -27.60 2.45 48.83
C ASP F 22 -26.66 3.13 49.80
N TYR F 23 -26.83 4.44 49.96
CA TYR F 23 -25.98 5.21 50.86
C TYR F 23 -26.78 5.97 51.92
N ASN F 24 -26.91 5.42 53.11
CA ASN F 24 -27.59 6.16 54.15
C ASN F 24 -26.57 7.15 54.68
N LEU F 25 -26.96 8.00 55.63
CA LEU F 25 -26.04 9.01 56.16
C LEU F 25 -24.75 8.40 56.69
N ALA F 26 -24.86 7.29 57.41
CA ALA F 26 -23.66 6.65 57.95
C ALA F 26 -22.68 6.33 56.83
N ARG F 27 -23.19 5.75 55.75
CA ARG F 27 -22.32 5.39 54.64
C ARG F 27 -21.71 6.62 53.97
N LEU F 28 -22.50 7.69 53.84
CA LEU F 28 -21.99 8.91 53.23
C LEU F 28 -20.87 9.45 54.13
N ASN F 29 -21.10 9.44 55.44
CA ASN F 29 -20.11 9.92 56.40
C ASN F 29 -18.82 9.10 56.32
N SER F 30 -18.93 7.81 56.00
CA SER F 30 -17.73 6.98 55.90
C SER F 30 -16.85 7.43 54.74
N LEU F 31 -17.42 8.26 53.86
CA LEU F 31 -16.70 8.79 52.71
C LEU F 31 -16.29 10.23 52.97
N GLY F 32 -16.67 10.74 54.13
CA GLY F 32 -16.35 12.11 54.48
C GLY F 32 -17.44 13.09 54.05
N VAL F 33 -18.48 12.56 53.40
CA VAL F 33 -19.60 13.38 52.92
C VAL F 33 -20.56 13.66 54.08
N LEU F 34 -20.85 14.95 54.29
CA LEU F 34 -21.71 15.38 55.39
C LEU F 34 -23.19 15.48 55.04
N ASN F 35 -24.01 15.43 56.09
CA ASN F 35 -25.45 15.56 55.99
C ASN F 35 -25.78 17.01 55.59
N ASP F 36 -26.91 17.22 54.92
CA ASP F 36 -27.32 18.58 54.52
C ASP F 36 -26.11 19.40 54.09
N ASP F 37 -25.35 18.89 53.14
CA ASP F 37 -24.14 19.58 52.72
C ASP F 37 -23.84 19.53 51.21
N ILE F 38 -24.33 18.51 50.52
CA ILE F 38 -24.09 18.40 49.08
C ILE F 38 -24.72 19.55 48.29
N SER F 39 -23.99 20.09 47.32
CA SER F 39 -24.50 21.19 46.50
C SER F 39 -24.49 20.94 44.99
N SER F 40 -23.66 20.01 44.53
CA SER F 40 -23.60 19.68 43.11
C SER F 40 -23.16 18.25 42.96
N LEU F 41 -23.42 17.66 41.79
CA LEU F 41 -23.00 16.30 41.54
C LEU F 41 -22.89 15.94 40.07
N ARG F 42 -21.96 15.03 39.78
CA ARG F 42 -21.73 14.54 38.43
C ARG F 42 -22.40 13.18 38.30
N ILE F 43 -23.15 12.99 37.24
CA ILE F 43 -23.84 11.73 36.98
C ILE F 43 -23.30 11.15 35.69
N THR F 44 -22.65 9.99 35.76
CA THR F 44 -22.12 9.38 34.55
C THR F 44 -23.28 8.83 33.73
N GLN F 45 -23.22 9.08 32.43
CA GLN F 45 -24.26 8.63 31.51
C GLN F 45 -24.56 7.14 31.73
N GLY F 46 -25.84 6.81 31.84
CA GLY F 46 -26.24 5.43 32.06
C GLY F 46 -26.58 5.15 33.50
N TYR F 47 -26.43 6.16 34.36
CA TYR F 47 -26.71 6.02 35.78
C TYR F 47 -27.52 7.20 36.28
N GLN F 48 -28.03 7.07 37.50
CA GLN F 48 -28.80 8.15 38.10
C GLN F 48 -28.76 8.07 39.60
N ALA F 49 -28.90 9.23 40.24
CA ALA F 49 -28.87 9.30 41.69
C ALA F 49 -30.23 9.74 42.19
N ILE F 50 -30.77 9.00 43.16
CA ILE F 50 -32.03 9.36 43.75
C ILE F 50 -31.66 10.00 45.08
N LEU F 51 -31.93 11.29 45.21
CA LEU F 51 -31.62 12.01 46.44
C LEU F 51 -32.83 11.99 47.36
N TYR F 52 -32.59 11.87 48.66
CA TYR F 52 -33.65 11.82 49.66
C TYR F 52 -33.44 12.92 50.70
N GLN F 53 -34.53 13.53 51.13
CA GLN F 53 -34.46 14.60 52.12
C GLN F 53 -34.00 14.04 53.46
N ASP F 54 -34.50 12.87 53.84
CA ASP F 54 -34.10 12.30 55.13
C ASP F 54 -33.19 11.08 55.00
N ASP F 55 -32.63 10.68 56.14
CA ASP F 55 -31.74 9.53 56.18
C ASP F 55 -32.54 8.27 55.90
N ASN F 56 -31.85 7.18 55.58
CA ASN F 56 -32.51 5.91 55.30
C ASN F 56 -33.56 5.98 54.19
N PHE F 57 -33.28 6.82 53.20
CA PHE F 57 -34.15 6.97 52.03
C PHE F 57 -35.59 7.34 52.37
N GLY F 58 -35.73 8.24 53.35
CA GLY F 58 -37.04 8.69 53.77
C GLY F 58 -37.30 10.11 53.32
N GLY F 59 -38.54 10.55 53.40
CA GLY F 59 -38.89 11.90 52.99
C GLY F 59 -39.01 12.07 51.50
N ALA F 60 -39.10 13.32 51.04
CA ALA F 60 -39.23 13.59 49.61
C ALA F 60 -37.97 13.16 48.89
N SER F 61 -38.12 12.83 47.61
CA SER F 61 -37.00 12.39 46.79
C SER F 61 -37.03 13.02 45.41
N THR F 62 -35.89 13.01 44.74
CA THR F 62 -35.78 13.55 43.39
C THR F 62 -34.69 12.79 42.65
N VAL F 63 -34.90 12.56 41.35
CA VAL F 63 -33.94 11.83 40.54
C VAL F 63 -33.07 12.79 39.74
N ILE F 64 -31.76 12.55 39.79
CA ILE F 64 -30.79 13.37 39.05
C ILE F 64 -30.16 12.46 38.00
N ASN F 65 -30.40 12.72 36.72
CA ASN F 65 -29.83 11.87 35.67
C ASN F 65 -28.84 12.56 34.74
N SER F 66 -28.39 13.74 35.14
CA SER F 66 -27.40 14.49 34.39
C SER F 66 -26.71 15.41 35.39
N ASP F 67 -25.49 15.84 35.08
CA ASP F 67 -24.76 16.72 36.00
C ASP F 67 -25.58 17.92 36.45
N ASN F 68 -25.58 18.17 37.76
CA ASN F 68 -26.28 19.31 38.32
C ASN F 68 -25.23 20.17 39.01
N SER F 69 -24.96 21.35 38.46
CA SER F 69 -23.93 22.23 39.01
C SER F 69 -24.27 23.00 40.28
N CYS F 70 -25.54 23.04 40.65
CA CYS F 70 -25.94 23.75 41.86
C CYS F 70 -27.41 23.44 42.15
N LEU F 71 -27.63 22.60 43.16
CA LEU F 71 -28.97 22.18 43.54
C LEU F 71 -29.83 23.38 43.94
N ASN F 72 -31.13 23.27 43.69
CA ASN F 72 -32.01 24.37 44.05
C ASN F 72 -32.19 24.48 45.56
N THR F 73 -32.95 25.47 46.00
CA THR F 73 -33.16 25.70 47.41
C THR F 73 -33.79 24.52 48.16
N THR F 74 -34.61 23.74 47.46
CA THR F 74 -35.25 22.59 48.08
C THR F 74 -34.26 21.47 48.34
N TRP F 75 -33.26 21.34 47.48
CA TRP F 75 -32.28 20.27 47.59
C TRP F 75 -30.87 20.60 48.02
N ASN F 76 -30.46 21.86 47.88
CA ASN F 76 -29.12 22.25 48.27
C ASN F 76 -28.94 22.19 49.79
N ASP F 77 -27.88 21.54 50.24
CA ASP F 77 -27.60 21.38 51.67
C ASP F 77 -28.77 20.73 52.41
N LYS F 78 -29.42 19.77 51.75
CA LYS F 78 -30.57 19.09 52.34
C LYS F 78 -30.51 17.57 52.17
N VAL F 79 -29.63 17.05 51.33
CA VAL F 79 -29.57 15.60 51.13
C VAL F 79 -29.04 14.85 52.34
N SER F 80 -29.77 13.79 52.73
CA SER F 80 -29.38 12.97 53.88
C SER F 80 -29.13 11.50 53.55
N SER F 81 -29.57 11.06 52.38
CA SER F 81 -29.34 9.69 51.93
C SER F 81 -29.50 9.64 50.42
N ILE F 82 -28.79 8.70 49.79
CA ILE F 82 -28.81 8.60 48.34
C ILE F 82 -28.82 7.15 47.86
N ARG F 83 -29.51 6.91 46.74
CA ARG F 83 -29.54 5.59 46.13
C ARG F 83 -28.99 5.77 44.73
N VAL F 84 -28.08 4.91 44.32
CA VAL F 84 -27.48 4.99 42.99
C VAL F 84 -27.88 3.75 42.20
N ILE F 85 -28.44 3.97 41.01
CA ILE F 85 -28.88 2.87 40.17
C ILE F 85 -28.52 3.09 38.70
N ALA F 86 -28.68 2.04 37.90
CA ALA F 86 -28.39 2.12 36.47
C ALA F 86 -29.57 2.80 35.79
N ASN F 87 -29.27 3.80 34.96
CA ASN F 87 -30.30 4.53 34.24
C ASN F 87 -30.33 4.14 32.76
N GLY F 88 -29.73 4.98 31.93
CA GLY F 88 -29.71 4.71 30.50
C GLY F 88 -29.09 5.84 29.70
N ASP G 1 12.41 -2.20 -31.85
CA ASP G 1 11.94 -0.81 -32.14
C ASP G 1 11.88 0.02 -30.87
N VAL G 2 12.90 0.84 -30.66
CA VAL G 2 12.98 1.68 -29.48
C VAL G 2 12.30 3.03 -29.71
N ILE G 3 12.00 3.32 -30.97
CA ILE G 3 11.33 4.58 -31.31
C ILE G 3 10.26 4.34 -32.37
N THR G 4 9.10 4.96 -32.17
CA THR G 4 8.01 4.83 -33.13
C THR G 4 7.57 6.23 -33.52
N VAL G 5 7.48 6.47 -34.82
CA VAL G 5 7.07 7.78 -35.30
C VAL G 5 5.67 7.65 -35.88
N TYR G 6 4.78 8.57 -35.50
CA TYR G 6 3.41 8.54 -35.95
C TYR G 6 3.04 9.67 -36.89
N LYS G 7 2.11 9.36 -37.80
CA LYS G 7 1.64 10.34 -38.77
C LYS G 7 0.85 11.43 -38.06
N ASP G 8 0.00 11.08 -37.11
CA ASP G 8 -0.80 12.06 -36.40
C ASP G 8 -0.36 12.30 -34.97
N CYS G 9 -0.91 13.37 -34.37
CA CYS G 9 -0.61 13.70 -33.00
C CYS G 9 -1.29 12.66 -32.10
N ASN G 10 -0.81 12.55 -30.87
CA ASN G 10 -1.36 11.61 -29.89
C ASN G 10 -1.12 10.15 -30.24
N TYR G 11 0.00 9.88 -30.88
CA TYR G 11 0.40 8.52 -31.23
C TYR G 11 -0.64 7.72 -32.01
N THR G 12 -1.15 8.31 -33.07
CA THR G 12 -2.13 7.65 -33.93
C THR G 12 -1.73 7.89 -35.38
N GLY G 13 -2.42 7.22 -36.31
CA GLY G 13 -2.10 7.36 -37.71
C GLY G 13 -1.00 6.38 -38.09
N PHE G 14 -0.66 6.32 -39.37
CA PHE G 14 0.37 5.40 -39.84
C PHE G 14 1.64 5.59 -39.03
N SER G 15 2.24 4.48 -38.59
CA SER G 15 3.46 4.55 -37.81
C SER G 15 4.60 3.72 -38.39
N GLY G 16 5.82 4.12 -38.04
CA GLY G 16 7.00 3.41 -38.48
C GLY G 16 7.87 3.13 -37.26
N GLY G 17 8.41 1.92 -37.17
CA GLY G 17 9.26 1.59 -36.05
C GLY G 17 10.71 1.77 -36.40
N LEU G 18 11.46 2.47 -35.54
CA LEU G 18 12.88 2.73 -35.79
C LEU G 18 13.76 2.15 -34.68
N THR G 19 14.96 1.72 -35.06
CA THR G 19 15.92 1.18 -34.10
C THR G 19 17.18 2.02 -34.23
N ILE G 20 18.22 1.67 -33.49
CA ILE G 20 19.48 2.40 -33.56
C ILE G 20 19.93 2.51 -35.01
N GLY G 21 20.32 3.69 -35.43
CA GLY G 21 20.77 3.86 -36.80
C GLY G 21 20.35 5.17 -37.44
N ASP G 22 20.70 5.34 -38.71
CA ASP G 22 20.38 6.56 -39.43
C ASP G 22 19.33 6.35 -40.51
N TYR G 23 18.36 7.26 -40.56
CA TYR G 23 17.27 7.17 -41.51
C TYR G 23 17.11 8.38 -42.42
N ASN G 24 17.60 8.29 -43.65
CA ASN G 24 17.39 9.39 -44.59
C ASN G 24 15.96 9.19 -45.08
N LEU G 25 15.44 10.12 -45.88
CA LEU G 25 14.08 10.01 -46.36
C LEU G 25 13.82 8.69 -47.10
N ALA G 26 14.79 8.23 -47.87
CA ALA G 26 14.63 6.98 -48.59
C ALA G 26 14.33 5.86 -47.61
N ARG G 27 15.10 5.79 -46.52
CA ARG G 27 14.88 4.73 -45.53
C ARG G 27 13.53 4.90 -44.83
N LEU G 28 13.15 6.13 -44.55
CA LEU G 28 11.86 6.37 -43.90
C LEU G 28 10.77 5.86 -44.83
N ASN G 29 10.88 6.18 -46.11
CA ASN G 29 9.90 5.75 -47.10
C ASN G 29 9.84 4.23 -47.22
N SER G 30 10.96 3.54 -46.97
CA SER G 30 10.99 2.09 -47.08
C SER G 30 10.10 1.51 -45.98
N LEU G 31 9.80 2.33 -44.99
CA LEU G 31 8.94 1.94 -43.87
C LEU G 31 7.54 2.51 -44.06
N GLY G 32 7.34 3.21 -45.17
CA GLY G 32 6.04 3.80 -45.44
C GLY G 32 5.87 5.17 -44.80
N VAL G 33 6.91 5.63 -44.13
CA VAL G 33 6.89 6.93 -43.46
C VAL G 33 7.18 8.02 -44.48
N LEU G 34 6.31 9.03 -44.54
CA LEU G 34 6.45 10.12 -45.51
C LEU G 34 7.22 11.34 -45.03
N ASN G 35 7.68 12.12 -46.00
CA ASN G 35 8.41 13.35 -45.75
C ASN G 35 7.44 14.41 -45.20
N ASP G 36 7.95 15.33 -44.38
CA ASP G 36 7.13 16.40 -43.80
C ASP G 36 5.77 15.85 -43.39
N ASP G 37 5.79 14.78 -42.60
CA ASP G 37 4.54 14.12 -42.24
C ASP G 37 4.44 13.68 -40.78
N ILE G 38 5.57 13.44 -40.12
CA ILE G 38 5.53 12.99 -38.73
C ILE G 38 4.97 14.04 -37.79
N SER G 39 4.14 13.61 -36.84
CA SER G 39 3.54 14.54 -35.87
C SER G 39 3.75 14.19 -34.41
N SER G 40 4.05 12.92 -34.13
CA SER G 40 4.28 12.51 -32.74
C SER G 40 5.17 11.28 -32.74
N LEU G 41 5.74 10.97 -31.58
CA LEU G 41 6.58 9.79 -31.48
C LEU G 41 6.81 9.31 -30.06
N ARG G 42 6.99 8.00 -29.94
CA ARG G 42 7.26 7.39 -28.64
C ARG G 42 8.75 7.10 -28.61
N ILE G 43 9.38 7.40 -27.48
CA ILE G 43 10.81 7.18 -27.32
C ILE G 43 11.04 6.25 -26.13
N THR G 44 11.59 5.06 -26.39
CA THR G 44 11.85 4.14 -25.31
C THR G 44 13.01 4.65 -24.47
N GLN G 45 12.85 4.60 -23.15
CA GLN G 45 13.90 5.06 -22.25
C GLN G 45 15.23 4.44 -22.63
N GLY G 46 16.28 5.27 -22.66
CA GLY G 46 17.60 4.79 -23.01
C GLY G 46 17.97 5.11 -24.44
N TYR G 47 16.99 5.55 -25.22
CA TYR G 47 17.20 5.89 -26.61
C TYR G 47 16.65 7.28 -26.91
N GLN G 48 17.02 7.83 -28.05
CA GLN G 48 16.55 9.15 -28.43
C GLN G 48 16.61 9.36 -29.92
N ALA G 49 15.77 10.27 -30.41
CA ALA G 49 15.71 10.56 -31.83
C ALA G 49 16.18 11.97 -32.12
N ILE G 50 17.08 12.10 -33.09
CA ILE G 50 17.56 13.41 -33.48
C ILE G 50 16.83 13.68 -34.80
N LEU G 51 15.99 14.71 -34.80
CA LEU G 51 15.23 15.04 -36.00
C LEU G 51 15.99 16.06 -36.84
N TYR G 52 15.80 15.97 -38.15
CA TYR G 52 16.45 16.89 -39.08
C TYR G 52 15.41 17.48 -40.01
N GLN G 53 15.51 18.78 -40.27
CA GLN G 53 14.58 19.46 -41.14
C GLN G 53 14.72 18.98 -42.58
N ASP G 54 15.95 18.73 -43.04
CA ASP G 54 16.15 18.30 -44.42
C ASP G 54 16.59 16.85 -44.54
N ASP G 55 16.54 16.34 -45.76
CA ASP G 55 16.96 14.96 -45.99
C ASP G 55 18.46 14.87 -45.77
N ASN G 56 18.96 13.66 -45.60
CA ASN G 56 20.38 13.44 -45.39
C ASN G 56 20.96 14.19 -44.21
N PHE G 57 20.14 14.35 -43.18
CA PHE G 57 20.54 14.99 -41.93
C PHE G 57 21.00 16.44 -42.09
N GLY G 58 20.34 17.15 -43.01
CA GLY G 58 20.68 18.55 -43.22
C GLY G 58 19.71 19.46 -42.51
N GLY G 59 20.03 20.76 -42.49
CA GLY G 59 19.16 21.73 -41.84
C GLY G 59 19.16 21.67 -40.32
N ALA G 60 18.21 22.35 -39.71
CA ALA G 60 18.10 22.40 -38.26
C ALA G 60 17.83 21.03 -37.66
N SER G 61 18.18 20.88 -36.38
CA SER G 61 17.98 19.63 -35.66
C SER G 61 17.37 19.88 -34.29
N THR G 62 16.85 18.81 -33.69
CA THR G 62 16.27 18.87 -32.36
C THR G 62 16.29 17.45 -31.83
N VAL G 63 16.29 17.31 -30.52
CA VAL G 63 16.32 16.00 -29.90
C VAL G 63 15.01 15.66 -29.21
N ILE G 64 14.53 14.46 -29.46
CA ILE G 64 13.31 13.98 -28.84
C ILE G 64 13.77 12.82 -27.95
N ASN G 65 13.87 13.06 -26.65
CA ASN G 65 14.33 12.03 -25.72
C ASN G 65 13.26 11.49 -24.77
N SER G 66 12.00 11.80 -25.09
CA SER G 66 10.86 11.33 -24.30
C SER G 66 9.66 11.50 -25.22
N ASP G 67 8.62 10.70 -24.99
CA ASP G 67 7.42 10.75 -25.82
C ASP G 67 6.96 12.19 -26.08
N ASN G 68 6.66 12.49 -27.34
CA ASN G 68 6.17 13.81 -27.73
C ASN G 68 4.86 13.55 -28.46
N SER G 69 3.75 13.96 -27.85
CA SER G 69 2.42 13.72 -28.40
C SER G 69 2.02 14.62 -29.57
N CYS G 70 2.78 15.69 -29.82
CA CYS G 70 2.44 16.60 -30.91
C CYS G 70 3.56 17.59 -31.10
N LEU G 71 4.33 17.40 -32.17
CA LEU G 71 5.44 18.28 -32.48
C LEU G 71 4.92 19.71 -32.64
N ASN G 72 5.77 20.68 -32.28
CA ASN G 72 5.38 22.08 -32.39
C ASN G 72 5.39 22.56 -33.83
N THR G 73 5.02 23.83 -34.02
CA THR G 73 4.95 24.43 -35.35
C THR G 73 6.23 24.31 -36.16
N THR G 74 7.37 24.36 -35.47
CA THR G 74 8.66 24.29 -36.13
C THR G 74 8.97 22.88 -36.64
N TRP G 75 8.47 21.86 -35.95
CA TRP G 75 8.76 20.49 -36.34
C TRP G 75 7.64 19.62 -36.88
N ASN G 76 6.40 20.02 -36.65
CA ASN G 76 5.28 19.21 -37.14
C ASN G 76 5.23 19.21 -38.66
N ASP G 77 5.12 18.02 -39.25
CA ASP G 77 5.08 17.88 -40.70
C ASP G 77 6.27 18.56 -41.37
N LYS G 78 7.44 18.42 -40.77
CA LYS G 78 8.66 19.03 -41.30
C LYS G 78 9.85 18.07 -41.29
N VAL G 79 9.76 16.97 -40.56
CA VAL G 79 10.88 16.03 -40.50
C VAL G 79 11.16 15.34 -41.83
N SER G 80 12.43 15.39 -42.25
CA SER G 80 12.85 14.78 -43.51
C SER G 80 13.87 13.66 -43.35
N SER G 81 14.49 13.58 -42.18
CA SER G 81 15.46 12.52 -41.89
C SER G 81 15.61 12.43 -40.38
N ILE G 82 15.97 11.25 -39.89
CA ILE G 82 16.11 11.01 -38.47
C ILE G 82 17.26 10.08 -38.14
N ARG G 83 17.85 10.28 -36.97
CA ARG G 83 18.94 9.44 -36.50
C ARG G 83 18.59 9.03 -35.08
N VAL G 84 18.64 7.72 -34.83
CA VAL G 84 18.34 7.17 -33.52
C VAL G 84 19.66 6.77 -32.86
N ILE G 85 19.88 7.28 -31.65
CA ILE G 85 21.10 7.00 -30.91
C ILE G 85 20.82 6.65 -29.45
N ALA G 86 21.81 6.07 -28.79
CA ALA G 86 21.66 5.72 -27.38
C ALA G 86 21.45 7.00 -26.58
N ASN G 87 20.73 6.88 -25.48
CA ASN G 87 20.45 8.03 -24.63
C ASN G 87 21.04 7.78 -23.24
N ASP H 1 13.80 -1.95 -16.96
CA ASP H 1 12.48 -1.52 -16.43
C ASP H 1 11.63 -0.96 -17.57
N VAL H 2 10.31 -1.08 -17.43
CA VAL H 2 9.40 -0.58 -18.46
C VAL H 2 8.76 0.73 -18.02
N ILE H 3 8.85 1.03 -16.73
CA ILE H 3 8.31 2.28 -16.18
C ILE H 3 9.34 2.87 -15.25
N THR H 4 9.56 4.18 -15.36
CA THR H 4 10.50 4.85 -14.47
C THR H 4 9.78 6.05 -13.88
N VAL H 5 9.72 6.11 -12.55
CA VAL H 5 9.05 7.22 -11.88
C VAL H 5 10.07 8.18 -11.29
N TYR H 6 9.86 9.47 -11.50
CA TYR H 6 10.80 10.49 -11.03
C TYR H 6 10.23 11.43 -9.98
N LYS H 7 11.12 11.89 -9.11
CA LYS H 7 10.75 12.80 -8.05
C LYS H 7 10.34 14.16 -8.60
N ASP H 8 11.07 14.67 -9.59
CA ASP H 8 10.72 15.98 -10.12
C ASP H 8 10.17 15.92 -11.54
N CYS H 9 9.61 17.02 -12.00
CA CYS H 9 9.06 17.09 -13.34
C CYS H 9 10.19 17.02 -14.37
N ASN H 10 9.84 16.68 -15.60
CA ASN H 10 10.82 16.60 -16.69
C ASN H 10 11.83 15.45 -16.55
N TYR H 11 11.42 14.39 -15.86
CA TYR H 11 12.25 13.20 -15.70
C TYR H 11 13.59 13.46 -15.00
N THR H 12 13.54 14.20 -13.90
CA THR H 12 14.74 14.50 -13.12
C THR H 12 14.46 14.20 -11.64
N GLY H 13 15.51 14.19 -10.83
CA GLY H 13 15.33 13.89 -9.43
C GLY H 13 15.43 12.39 -9.24
N PHE H 14 15.39 11.92 -7.99
CA PHE H 14 15.50 10.50 -7.70
C PHE H 14 14.48 9.69 -8.49
N SER H 15 14.92 8.58 -9.08
CA SER H 15 14.03 7.76 -9.88
C SER H 15 14.00 6.30 -9.45
N GLY H 16 12.87 5.65 -9.70
CA GLY H 16 12.71 4.26 -9.38
C GLY H 16 12.26 3.51 -10.61
N GLY H 17 12.87 2.36 -10.87
CA GLY H 17 12.50 1.57 -12.03
C GLY H 17 11.48 0.51 -11.67
N LEU H 18 10.46 0.37 -12.50
CA LEU H 18 9.41 -0.62 -12.23
C LEU H 18 9.22 -1.57 -13.40
N THR H 19 8.74 -2.77 -13.08
CA THR H 19 8.47 -3.79 -14.08
C THR H 19 7.04 -4.24 -13.85
N ILE H 20 6.55 -5.14 -14.69
CA ILE H 20 5.18 -5.63 -14.53
C ILE H 20 4.94 -6.10 -13.09
N GLY H 21 3.81 -5.68 -12.51
CA GLY H 21 3.50 -6.07 -11.15
C GLY H 21 2.84 -4.99 -10.32
N ASP H 22 2.60 -5.29 -9.04
CA ASP H 22 1.97 -4.35 -8.13
C ASP H 22 2.99 -3.73 -7.19
N TYR H 23 2.88 -2.42 -7.00
CA TYR H 23 3.79 -1.69 -6.10
C TYR H 23 3.05 -0.87 -5.06
N ASN H 24 2.94 -1.39 -3.84
CA ASN H 24 2.30 -0.62 -2.79
C ASN H 24 3.39 0.31 -2.23
N LEU H 25 3.05 1.17 -1.28
CA LEU H 25 4.02 2.12 -0.73
C LEU H 25 5.31 1.45 -0.26
N ALA H 26 5.17 0.37 0.51
CA ALA H 26 6.35 -0.32 1.01
C ALA H 26 7.27 -0.72 -0.14
N ARG H 27 6.70 -1.30 -1.19
CA ARG H 27 7.54 -1.71 -2.31
C ARG H 27 8.19 -0.50 -2.99
N LEU H 28 7.45 0.59 -3.14
CA LEU H 28 8.03 1.78 -3.75
C LEU H 28 9.19 2.26 -2.89
N ASN H 29 8.99 2.26 -1.57
CA ASN H 29 10.03 2.69 -0.64
C ASN H 29 11.29 1.83 -0.75
N SER H 30 11.12 0.55 -1.06
CA SER H 30 12.27 -0.34 -1.18
C SER H 30 13.15 0.09 -2.36
N LEU H 31 12.58 0.86 -3.27
CA LEU H 31 13.29 1.36 -4.43
C LEU H 31 13.75 2.79 -4.15
N GLY H 32 13.39 3.29 -2.98
CA GLY H 32 13.78 4.65 -2.60
C GLY H 32 12.76 5.69 -3.02
N VAL H 33 11.64 5.25 -3.59
CA VAL H 33 10.59 6.15 -4.06
C VAL H 33 9.64 6.48 -2.91
N LEU H 34 9.41 7.77 -2.67
CA LEU H 34 8.56 8.24 -1.59
C LEU H 34 7.09 8.43 -1.92
N ASN H 35 6.27 8.41 -0.89
CA ASN H 35 4.82 8.62 -1.00
C ASN H 35 4.58 10.08 -1.38
N ASP H 36 3.47 10.36 -2.06
CA ASP H 36 3.11 11.73 -2.45
C ASP H 36 4.34 12.51 -2.87
N ASP H 37 5.07 11.96 -3.83
CA ASP H 37 6.31 12.58 -4.26
C ASP H 37 6.61 12.52 -5.75
N ILE H 38 6.05 11.54 -6.45
CA ILE H 38 6.32 11.40 -7.88
C ILE H 38 5.72 12.57 -8.68
N SER H 39 6.48 13.08 -9.65
CA SER H 39 6.02 14.19 -10.48
C SER H 39 6.04 13.93 -11.98
N SER H 40 6.79 12.92 -12.41
CA SER H 40 6.83 12.58 -13.83
C SER H 40 7.21 11.11 -13.97
N LEU H 41 6.96 10.54 -15.15
CA LEU H 41 7.29 9.15 -15.38
C LEU H 41 7.39 8.79 -16.86
N ARG H 42 8.24 7.81 -17.15
CA ARG H 42 8.42 7.32 -18.50
C ARG H 42 7.69 5.99 -18.63
N ILE H 43 6.98 5.83 -19.74
CA ILE H 43 6.24 4.61 -19.99
C ILE H 43 6.73 3.98 -21.29
N THR H 44 7.35 2.81 -21.20
CA THR H 44 7.84 2.15 -22.40
C THR H 44 6.64 1.66 -23.21
N GLN H 45 6.66 1.91 -24.52
CA GLN H 45 5.55 1.49 -25.37
C GLN H 45 5.25 0.01 -25.19
N GLY H 46 3.96 -0.29 -25.03
CA GLY H 46 3.54 -1.67 -24.85
C GLY H 46 3.20 -1.92 -23.39
N TYR H 47 3.39 -0.89 -22.56
CA TYR H 47 3.10 -1.00 -21.13
C TYR H 47 2.35 0.22 -20.64
N GLN H 48 1.84 0.13 -19.42
CA GLN H 48 1.12 1.24 -18.83
C GLN H 48 1.20 1.18 -17.32
N ALA H 49 1.07 2.35 -16.71
CA ALA H 49 1.12 2.45 -15.26
C ALA H 49 -0.21 2.97 -14.77
N ILE H 50 -0.79 2.28 -13.79
CA ILE H 50 -2.06 2.72 -13.23
C ILE H 50 -1.68 3.35 -11.90
N LEU H 51 -1.91 4.65 -11.78
CA LEU H 51 -1.58 5.38 -10.56
C LEU H 51 -2.76 5.39 -9.61
N TYR H 52 -2.47 5.25 -8.32
CA TYR H 52 -3.49 5.24 -7.28
C TYR H 52 -3.24 6.32 -6.24
N GLN H 53 -4.29 7.01 -5.85
CA GLN H 53 -4.18 8.06 -4.85
C GLN H 53 -3.74 7.49 -3.51
N ASP H 54 -4.34 6.38 -3.10
CA ASP H 54 -3.98 5.77 -1.82
C ASP H 54 -3.12 4.53 -1.96
N ASP H 55 -2.58 4.07 -0.83
CA ASP H 55 -1.75 2.89 -0.79
C ASP H 55 -2.61 1.66 -1.05
N ASN H 56 -1.97 0.56 -1.43
CA ASN H 56 -2.67 -0.68 -1.69
C ASN H 56 -3.70 -0.58 -2.81
N PHE H 57 -3.42 0.32 -3.75
CA PHE H 57 -4.27 0.51 -4.92
C PHE H 57 -5.70 0.93 -4.59
N GLY H 58 -5.83 1.83 -3.62
CA GLY H 58 -7.14 2.31 -3.23
C GLY H 58 -7.32 3.75 -3.68
N GLY H 59 -8.54 4.27 -3.57
CA GLY H 59 -8.80 5.64 -3.97
C GLY H 59 -8.88 5.82 -5.48
N ALA H 60 -9.00 7.08 -5.92
CA ALA H 60 -9.09 7.38 -7.34
C ALA H 60 -7.84 6.88 -8.06
N SER H 61 -7.99 6.55 -9.33
CA SER H 61 -6.86 6.07 -10.12
C SER H 61 -6.86 6.66 -11.51
N THR H 62 -5.72 6.53 -12.20
CA THR H 62 -5.60 7.04 -13.56
C THR H 62 -4.56 6.21 -14.30
N VAL H 63 -4.75 6.05 -15.60
CA VAL H 63 -3.82 5.27 -16.41
C VAL H 63 -2.88 6.17 -17.21
N ILE H 64 -1.59 5.87 -17.16
CA ILE H 64 -0.58 6.62 -17.89
C ILE H 64 -0.05 5.65 -18.95
N ASN H 65 -0.30 5.96 -20.23
CA ASN H 65 0.15 5.09 -21.31
C ASN H 65 1.24 5.69 -22.20
N SER H 66 1.76 6.85 -21.79
CA SER H 66 2.83 7.52 -22.52
C SER H 66 3.56 8.42 -21.53
N ASP H 67 4.82 8.77 -21.83
CA ASP H 67 5.60 9.63 -20.93
C ASP H 67 4.83 10.88 -20.52
N ASN H 68 4.84 11.16 -19.21
CA ASN H 68 4.19 12.35 -18.68
C ASN H 68 5.26 13.15 -17.96
N SER H 69 5.61 14.31 -18.52
CA SER H 69 6.66 15.14 -17.96
C SER H 69 6.35 15.92 -16.69
N CYS H 70 5.07 16.02 -16.33
CA CYS H 70 4.68 16.76 -15.12
C CYS H 70 3.21 16.49 -14.85
N LEU H 71 2.95 15.67 -13.84
CA LEU H 71 1.58 15.32 -13.48
C LEU H 71 0.80 16.57 -13.09
N ASN H 72 -0.52 16.54 -13.30
CA ASN H 72 -1.33 17.70 -12.95
C ASN H 72 -1.51 17.86 -11.45
N THR H 73 -2.28 18.87 -11.04
CA THR H 73 -2.48 19.14 -9.63
C THR H 73 -3.16 18.00 -8.87
N THR H 74 -3.98 17.23 -9.57
CA THR H 74 -4.66 16.12 -8.91
C THR H 74 -3.71 14.97 -8.62
N TRP H 75 -2.75 14.76 -9.51
CA TRP H 75 -1.82 13.64 -9.37
C TRP H 75 -0.39 13.92 -8.94
N ASN H 76 0.06 15.18 -9.09
CA ASN H 76 1.43 15.50 -8.71
C ASN H 76 1.61 15.42 -7.20
N ASP H 77 2.66 14.70 -6.76
CA ASP H 77 2.94 14.53 -5.34
C ASP H 77 1.74 13.93 -4.60
N LYS H 78 1.05 13.00 -5.24
CA LYS H 78 -0.12 12.36 -4.63
C LYS H 78 -0.15 10.85 -4.78
N VAL H 79 0.70 10.29 -5.64
CA VAL H 79 0.70 8.84 -5.84
C VAL H 79 1.19 8.05 -4.64
N SER H 80 0.44 7.02 -4.28
CA SER H 80 0.79 6.17 -3.13
C SER H 80 0.99 4.69 -3.45
N SER H 81 0.59 4.27 -4.64
CA SER H 81 0.77 2.89 -5.07
C SER H 81 0.59 2.87 -6.56
N ILE H 82 1.22 1.88 -7.20
CA ILE H 82 1.19 1.78 -8.65
C ILE H 82 1.12 0.33 -9.12
N ARG H 83 0.36 0.09 -10.19
CA ARG H 83 0.27 -1.23 -10.79
C ARG H 83 0.80 -1.08 -12.21
N VAL H 84 1.68 -1.98 -12.61
CA VAL H 84 2.26 -1.93 -13.95
C VAL H 84 1.77 -3.15 -14.72
N ILE H 85 1.24 -2.92 -15.92
CA ILE H 85 0.73 -4.00 -16.75
C ILE H 85 1.12 -3.81 -18.21
N ALA H 86 0.90 -4.86 -19.01
CA ALA H 86 1.20 -4.81 -20.44
C ALA H 86 0.08 -4.05 -21.14
N ASN H 87 0.44 -3.16 -22.05
CA ASN H 87 -0.53 -2.36 -22.79
C ASN H 87 -0.69 -2.89 -24.21
CA CA I . -6.97 -15.24 6.65
CA CA J . -16.48 -22.72 6.35
CA CA K . -10.13 -7.43 24.16
CA CA L . 0.92 -13.18 39.11
CA CA M . 8.98 -4.22 39.19
CA CA N . 24.13 -22.02 -50.44
CA CA O . 14.31 -29.10 -50.71
CA CA P . 21.30 -13.78 -33.07
CA CA Q . 31.88 -19.92 -17.89
CA CA R . 40.26 -11.23 -17.93
CA CA S . -29.42 21.66 17.34
CA CA T . -19.31 26.32 12.67
CA CA U . -21.79 13.44 33.28
CA CA V . -22.93 22.87 50.21
CA CA W . -31.91 16.45 55.25
CA CA X . 1.24 14.71 -39.61
CA CA Y . 11.50 18.95 -44.32
CA CA Z . 8.34 6.11 -23.63
CA CA AA . 7.67 15.76 -6.77
CA CA BA . -1.55 9.78 -1.71
#